data_7P0T
#
_entry.id   7P0T
#
_cell.length_a   120.512
_cell.length_b   124.602
_cell.length_c   92.915
_cell.angle_alpha   90.00
_cell.angle_beta   126.87
_cell.angle_gamma   90.00
#
_symmetry.space_group_name_H-M   'C 1 2 1'
#
loop_
_entity.id
_entity.type
_entity.pdbx_description
1 polymer 'H-2 class I histocompatibility antigen, D-B alpha chain'
2 polymer Beta-2-microglobulin
3 polymer 'Derived peptide gp33-41 from LCMV'
4 non-polymer 'SULFATE ION'
5 non-polymer 'CHLORIDE ION'
6 water water
#
loop_
_entity_poly.entity_id
_entity_poly.type
_entity_poly.pdbx_seq_one_letter_code
_entity_poly.pdbx_strand_id
1 'polypeptide(L)'
;GPHSMRYFETAVSRPGLEEPRYISVGYVDNKEFVRFDSDAENPRYEPRAPWMEQEGPEYWERETQKAKGQEQWFRVSLRN
LLGYYNQSAGGSHTLQQMSGCDLGSDWRLLRGYLQFAYEGRDYIALNEDLKTWTAADMAAQITRRKWEQSGAAEHYKAYL
EGECVEWLHRYLKNGNATLLRTDSPKAHVTHHPRSKGEVTLRCWALGFYPADITLTWQLNGEELTQDMELVETRPAGDGT
FQKWASVVVPLGKEQNYTCRVYHEGLPEPLTLRWEP
;
A,D
2 'polypeptide(L)'
;MGIQKTPQIQVYSRHPPENGKPNILNCYVTQFHPPHIEIQMLKNGKKIPKVEMSDMSFSKDWSFYILAHTEFTPTETDTY
ACRVKHDSMAEPKTVYWDRDM
;
B,E
3 'polypeptide(L)' KAVYN(DPN)ATM C,F
#
loop_
_chem_comp.id
_chem_comp.type
_chem_comp.name
_chem_comp.formula
CL non-polymer 'CHLORIDE ION' 'Cl -1'
SO4 non-polymer 'SULFATE ION' 'O4 S -2'
#
# COMPACT_ATOMS: atom_id res chain seq x y z
N GLY A 1 7.80 7.23 3.48
CA GLY A 1 7.42 5.84 3.28
C GLY A 1 6.35 5.31 4.22
N PRO A 2 6.09 4.00 4.14
CA PRO A 2 5.04 3.41 4.98
C PRO A 2 5.38 3.54 6.46
N HIS A 3 4.36 3.88 7.25
CA HIS A 3 4.53 4.03 8.69
C HIS A 3 3.34 3.40 9.39
N SER A 4 3.56 2.95 10.62
CA SER A 4 2.52 2.23 11.33
C SER A 4 2.71 2.40 12.83
N MET A 5 1.60 2.36 13.54
CA MET A 5 1.56 2.32 14.99
C MET A 5 0.66 1.17 15.41
N ARG A 6 1.06 0.46 16.45
CA ARG A 6 0.30 -0.68 16.95
C ARG A 6 0.38 -0.71 18.46
N TYR A 7 -0.69 -1.21 19.08
CA TYR A 7 -0.75 -1.47 20.51
C TYR A 7 -1.26 -2.88 20.70
N PHE A 8 -0.40 -3.76 21.19
CA PHE A 8 -0.76 -5.13 21.51
C PHE A 8 -1.06 -5.19 23.00
N GLU A 9 -2.32 -5.35 23.37
CA GLU A 9 -2.73 -5.45 24.76
C GLU A 9 -3.19 -6.87 25.06
N THR A 10 -2.84 -7.38 26.23
CA THR A 10 -3.12 -8.75 26.61
C THR A 10 -3.53 -8.79 28.07
N ALA A 11 -4.57 -9.57 28.38
CA ALA A 11 -5.01 -9.79 29.75
C ALA A 11 -5.10 -11.28 29.98
N VAL A 12 -4.37 -11.79 30.97
CA VAL A 12 -4.35 -13.21 31.30
C VAL A 12 -4.90 -13.38 32.70
N SER A 13 -5.99 -14.11 32.80
CA SER A 13 -6.51 -14.56 34.09
C SER A 13 -5.97 -15.95 34.38
N ARG A 14 -5.66 -16.22 35.64
CA ARG A 14 -5.16 -17.54 35.99
C ARG A 14 -5.77 -17.98 37.32
N PRO A 15 -5.82 -19.28 37.57
CA PRO A 15 -6.52 -19.79 38.75
C PRO A 15 -5.96 -19.28 40.07
N GLY A 16 -4.70 -18.84 40.11
CA GLY A 16 -4.11 -18.30 41.32
C GLY A 16 -4.61 -17.02 41.96
N LEU A 17 -4.50 -15.89 41.25
CA LEU A 17 -4.89 -14.61 41.80
C LEU A 17 -6.30 -14.22 41.37
N GLU A 18 -6.79 -13.08 41.89
CA GLU A 18 -8.14 -12.61 41.61
C GLU A 18 -8.18 -11.60 40.46
N GLU A 19 -7.17 -10.72 40.37
CA GLU A 19 -7.13 -9.82 39.22
C GLU A 19 -6.19 -10.37 38.16
N PRO A 20 -6.58 -10.38 36.89
CA PRO A 20 -5.69 -10.84 35.84
C PRO A 20 -4.56 -9.85 35.60
N ARG A 21 -3.50 -10.36 34.99
CA ARG A 21 -2.34 -9.58 34.61
C ARG A 21 -2.58 -8.92 33.26
N TYR A 22 -2.36 -7.61 33.19
CA TYR A 22 -2.63 -6.82 31.98
C TYR A 22 -1.34 -6.16 31.52
N ILE A 23 -0.98 -6.38 30.25
CA ILE A 23 0.25 -5.88 29.66
C ILE A 23 -0.08 -5.18 28.36
N SER A 24 0.46 -3.97 28.17
CA SER A 24 0.30 -3.27 26.90
C SER A 24 1.67 -2.93 26.35
N VAL A 25 1.88 -3.20 25.06
CA VAL A 25 3.13 -2.90 24.37
C VAL A 25 2.79 -2.13 23.10
N GLY A 26 3.39 -0.96 22.96
CA GLY A 26 3.20 -0.14 21.78
C GLY A 26 4.36 -0.31 20.81
N TYR A 27 4.06 -0.18 19.52
CA TYR A 27 5.07 -0.28 18.47
C TYR A 27 4.87 0.86 17.47
N VAL A 28 5.93 1.62 17.23
CA VAL A 28 5.99 2.57 16.11
C VAL A 28 6.92 1.98 15.06
N ASP A 29 6.37 1.73 13.87
CA ASP A 29 7.12 1.14 12.76
C ASP A 29 7.84 -0.13 13.22
N ASN A 30 7.13 -0.93 14.02
CA ASN A 30 7.60 -2.26 14.44
C ASN A 30 8.83 -2.17 15.32
N LYS A 31 8.90 -1.14 16.15
CA LYS A 31 9.88 -1.07 17.23
C LYS A 31 9.15 -0.68 18.50
N GLU A 32 9.45 -1.38 19.59
CA GLU A 32 8.72 -1.21 20.84
C GLU A 32 9.19 0.08 21.53
N PHE A 33 8.23 0.93 21.91
CA PHE A 33 8.56 2.22 22.50
C PHE A 33 7.86 2.51 23.82
N VAL A 34 6.72 1.89 24.11
CA VAL A 34 6.03 2.12 25.38
C VAL A 34 5.49 0.78 25.89
N ARG A 35 5.59 0.57 27.19
CA ARG A 35 5.09 -0.65 27.80
C ARG A 35 4.35 -0.32 29.08
N PHE A 36 3.34 -1.15 29.40
CA PHE A 36 2.61 -1.07 30.66
C PHE A 36 2.43 -2.48 31.19
N ASP A 37 2.86 -2.70 32.44
CA ASP A 37 2.70 -3.97 33.13
C ASP A 37 2.02 -3.73 34.46
N SER A 38 0.97 -4.50 34.74
CA SER A 38 0.25 -4.46 36.00
C SER A 38 0.94 -5.26 37.10
N ASP A 39 2.02 -5.99 36.78
CA ASP A 39 2.86 -6.72 37.74
C ASP A 39 4.19 -5.98 37.82
N ALA A 40 4.20 -4.89 38.58
CA ALA A 40 5.36 -4.00 38.51
C ALA A 40 5.46 -3.16 39.78
N GLU A 41 6.58 -2.45 39.87
CA GLU A 41 6.96 -1.47 40.90
C GLU A 41 5.75 -0.63 41.27
N ASN A 42 5.41 0.28 40.37
CA ASN A 42 4.12 0.95 40.33
C ASN A 42 3.65 0.90 38.88
N PRO A 43 2.62 0.12 38.57
CA PRO A 43 2.22 -0.06 37.17
C PRO A 43 2.05 1.27 36.45
N ARG A 44 2.76 1.40 35.33
CA ARG A 44 2.82 2.67 34.62
C ARG A 44 3.27 2.41 33.20
N TYR A 45 3.16 3.44 32.38
CA TYR A 45 3.66 3.41 31.02
C TYR A 45 5.10 3.90 31.03
N GLU A 46 6.01 3.05 30.59
CA GLU A 46 7.40 3.45 30.53
C GLU A 46 7.88 3.49 29.09
N PRO A 47 8.75 4.44 28.76
CA PRO A 47 9.37 4.45 27.44
C PRO A 47 10.29 3.25 27.25
N ARG A 48 10.17 2.61 26.09
CA ARG A 48 11.04 1.49 25.73
C ARG A 48 12.01 1.83 24.62
N ALA A 49 12.12 3.11 24.25
CA ALA A 49 13.04 3.57 23.23
C ALA A 49 13.72 4.85 23.69
N PRO A 50 14.99 5.05 23.35
CA PRO A 50 15.69 6.25 23.83
C PRO A 50 15.07 7.55 23.35
N TRP A 51 14.65 7.60 22.08
CA TRP A 51 14.04 8.80 21.51
C TRP A 51 12.70 9.16 22.14
N MET A 52 12.19 8.34 23.05
CA MET A 52 10.85 8.49 23.58
C MET A 52 10.80 9.04 25.00
N GLU A 53 11.96 9.16 25.66
CA GLU A 53 11.99 9.65 27.04
C GLU A 53 11.78 11.15 27.13
N GLN A 54 12.04 11.88 26.05
CA GLN A 54 11.78 13.33 26.02
C GLN A 54 10.31 13.55 25.63
N GLU A 55 9.43 13.18 26.56
CA GLU A 55 8.00 13.28 26.36
C GLU A 55 7.29 14.21 27.34
N GLY A 56 7.79 14.35 28.57
CA GLY A 56 7.15 15.20 29.54
C GLY A 56 6.23 14.44 30.46
N PRO A 57 6.10 14.92 31.70
CA PRO A 57 5.42 14.11 32.71
C PRO A 57 3.93 14.00 32.50
N GLU A 58 3.29 15.06 32.01
CA GLU A 58 1.85 15.02 31.73
C GLU A 58 1.51 13.88 30.79
N TYR A 59 2.42 13.53 29.89
CA TYR A 59 2.15 12.49 28.90
C TYR A 59 1.99 11.13 29.57
N TRP A 60 2.88 10.78 30.51
CA TRP A 60 2.79 9.48 31.16
C TRP A 60 1.72 9.43 32.23
N GLU A 61 1.28 10.59 32.75
CA GLU A 61 0.18 10.58 33.71
C GLU A 61 -1.13 10.25 33.03
N ARG A 62 -1.33 10.69 31.78
CA ARG A 62 -2.56 10.29 31.08
C ARG A 62 -2.49 8.83 30.65
N GLU A 63 -1.38 8.43 30.02
CA GLU A 63 -1.32 7.07 29.48
C GLU A 63 -1.41 6.03 30.57
N THR A 64 -0.69 6.23 31.67
CA THR A 64 -0.83 5.32 32.81
C THR A 64 -2.26 5.28 33.31
N GLN A 65 -2.92 6.44 33.40
CA GLN A 65 -4.28 6.44 33.89
C GLN A 65 -5.23 5.82 32.89
N LYS A 66 -5.00 6.05 31.59
CA LYS A 66 -5.82 5.38 30.59
C LYS A 66 -5.54 3.88 30.58
N ALA A 67 -4.29 3.47 30.81
CA ALA A 67 -3.98 2.05 30.90
C ALA A 67 -4.74 1.39 32.03
N LYS A 68 -4.79 2.04 33.19
CA LYS A 68 -5.55 1.52 34.32
C LYS A 68 -7.02 1.35 33.97
N GLY A 69 -7.56 2.20 33.09
CA GLY A 69 -8.91 2.01 32.62
C GLY A 69 -9.04 0.77 31.75
N GLN A 70 -8.12 0.62 30.79
CA GLN A 70 -8.16 -0.56 29.93
C GLN A 70 -8.13 -1.84 30.75
N GLU A 71 -7.32 -1.87 31.81
CA GLU A 71 -7.17 -3.12 32.54
C GLU A 71 -8.45 -3.52 33.25
N GLN A 72 -9.09 -2.56 33.87
CA GLN A 72 -10.42 -2.84 34.37
C GLN A 72 -11.36 -3.34 33.25
N TRP A 73 -11.35 -2.63 32.12
CA TRP A 73 -12.18 -3.06 30.99
C TRP A 73 -11.91 -4.52 30.65
N PHE A 74 -10.64 -4.93 30.67
CA PHE A 74 -10.32 -6.33 30.35
C PHE A 74 -10.76 -7.26 31.46
N ARG A 75 -10.60 -6.85 32.72
CA ARG A 75 -11.08 -7.62 33.85
C ARG A 75 -12.57 -7.92 33.71
N VAL A 76 -13.37 -6.95 33.26
CA VAL A 76 -14.82 -7.16 33.20
C VAL A 76 -15.18 -8.09 32.05
N SER A 77 -14.56 -7.88 30.89
CA SER A 77 -14.88 -8.72 29.73
C SER A 77 -14.53 -10.18 29.96
N LEU A 78 -13.37 -10.45 30.56
CA LEU A 78 -12.98 -11.83 30.82
C LEU A 78 -14.05 -12.54 31.63
N ARG A 79 -14.55 -11.88 32.68
CA ARG A 79 -15.62 -12.46 33.48
C ARG A 79 -16.87 -12.64 32.65
N ASN A 80 -17.16 -11.66 31.77
CA ASN A 80 -18.28 -11.77 30.84
C ASN A 80 -18.12 -12.96 29.91
N LEU A 81 -16.89 -13.26 29.50
CA LEU A 81 -16.69 -14.31 28.50
C LEU A 81 -16.86 -15.69 29.10
N LEU A 82 -16.53 -15.88 30.39
CA LEU A 82 -16.78 -17.15 31.05
C LEU A 82 -18.24 -17.55 30.89
N GLY A 83 -19.15 -16.59 31.01
CA GLY A 83 -20.55 -16.91 30.84
C GLY A 83 -20.90 -17.19 29.40
N TYR A 84 -20.37 -16.37 28.47
CA TYR A 84 -20.69 -16.53 27.06
C TYR A 84 -20.34 -17.94 26.58
N TYR A 85 -19.22 -18.48 27.06
CA TYR A 85 -18.74 -19.79 26.62
C TYR A 85 -18.98 -20.90 27.64
N ASN A 86 -19.80 -20.62 28.68
CA ASN A 86 -20.14 -21.62 29.68
C ASN A 86 -18.90 -22.31 30.24
N GLN A 87 -17.86 -21.52 30.52
CA GLN A 87 -16.66 -22.01 31.17
C GLN A 87 -16.82 -21.87 32.69
N SER A 88 -16.60 -22.95 33.41
CA SER A 88 -16.59 -22.83 34.86
C SER A 88 -15.23 -22.33 35.32
N ALA A 89 -15.17 -21.92 36.58
CA ALA A 89 -13.91 -21.47 37.15
C ALA A 89 -12.93 -22.63 37.28
N GLY A 90 -11.64 -22.30 37.21
CA GLY A 90 -10.61 -23.29 37.42
C GLY A 90 -9.54 -23.31 36.34
N GLY A 91 -9.66 -22.41 35.37
CA GLY A 91 -8.76 -22.37 34.24
C GLY A 91 -8.11 -21.01 34.07
N SER A 92 -7.29 -20.91 33.04
CA SER A 92 -6.64 -19.67 32.66
C SER A 92 -7.08 -19.28 31.26
N HIS A 93 -7.44 -18.03 31.09
CA HIS A 93 -8.01 -17.56 29.83
C HIS A 93 -7.35 -16.24 29.46
N THR A 94 -7.14 -16.04 28.16
CA THR A 94 -6.44 -14.87 27.65
C THR A 94 -7.38 -14.03 26.79
N LEU A 95 -7.36 -12.72 27.00
CA LEU A 95 -8.03 -11.76 26.13
C LEU A 95 -6.96 -10.87 25.50
N GLN A 96 -7.05 -10.67 24.18
CA GLN A 96 -6.05 -9.87 23.47
C GLN A 96 -6.72 -8.84 22.58
N GLN A 97 -6.15 -7.63 22.56
CA GLN A 97 -6.59 -6.56 21.67
C GLN A 97 -5.39 -6.08 20.85
N MET A 98 -5.60 -5.93 19.55
CA MET A 98 -4.64 -5.34 18.63
C MET A 98 -5.28 -4.11 18.02
N SER A 99 -4.57 -2.99 18.01
CA SER A 99 -5.18 -1.74 17.56
C SER A 99 -4.09 -0.80 17.06
N GLY A 100 -4.36 -0.11 15.96
CA GLY A 100 -3.42 0.86 15.46
C GLY A 100 -3.78 1.31 14.06
N CYS A 101 -2.87 2.09 13.47
CA CYS A 101 -3.12 2.77 12.21
C CYS A 101 -1.90 2.64 11.29
N ASP A 102 -2.15 2.27 10.03
CA ASP A 102 -1.12 2.23 9.00
C ASP A 102 -1.14 3.53 8.21
N LEU A 103 -0.07 4.32 8.30
CA LEU A 103 0.02 5.53 7.49
C LEU A 103 0.75 5.25 6.18
N GLY A 104 1.00 6.31 5.40
CA GLY A 104 1.70 6.14 4.13
C GLY A 104 2.65 7.18 3.61
N SER A 105 2.68 7.28 2.28
CA SER A 105 3.09 8.38 1.41
C SER A 105 2.98 9.83 1.86
N ASP A 106 1.75 10.22 2.23
CA ASP A 106 1.41 11.60 2.55
C ASP A 106 1.13 11.80 4.03
N TRP A 107 1.57 10.88 4.88
CA TRP A 107 1.23 10.91 6.30
C TRP A 107 -0.28 10.92 6.49
N ARG A 108 -0.97 10.15 5.65
CA ARG A 108 -2.41 9.97 5.66
C ARG A 108 -2.75 8.54 6.11
N LEU A 109 -4.01 8.34 6.49
CA LEU A 109 -4.44 7.03 6.97
C LEU A 109 -4.79 6.08 5.82
N LEU A 110 -4.29 4.84 5.91
CA LEU A 110 -4.54 3.78 4.94
C LEU A 110 -5.57 2.78 5.44
N ARG A 111 -5.38 2.25 6.65
CA ARG A 111 -6.23 1.19 7.17
C ARG A 111 -6.18 1.24 8.69
N GLY A 112 -7.36 1.21 9.32
CA GLY A 112 -7.42 1.14 10.76
C GLY A 112 -7.48 -0.29 11.27
N TYR A 113 -7.09 -0.48 12.53
CA TYR A 113 -7.07 -1.79 13.13
C TYR A 113 -7.72 -1.75 14.51
N LEU A 114 -8.75 -2.57 14.70
CA LEU A 114 -9.33 -2.76 16.03
C LEU A 114 -9.84 -4.19 16.05
N GLN A 115 -9.14 -5.08 16.75
CA GLN A 115 -9.59 -6.48 16.79
C GLN A 115 -9.23 -7.14 18.12
N PHE A 116 -10.07 -8.08 18.52
CA PHE A 116 -9.94 -8.78 19.78
C PHE A 116 -9.91 -10.28 19.55
N ALA A 117 -9.23 -10.98 20.46
CA ALA A 117 -9.20 -12.42 20.43
C ALA A 117 -9.32 -12.98 21.85
N TYR A 118 -10.04 -14.09 21.98
CA TYR A 118 -10.23 -14.80 23.22
C TYR A 118 -9.65 -16.19 23.07
N GLU A 119 -8.95 -16.65 24.12
CA GLU A 119 -8.17 -17.88 24.05
C GLU A 119 -7.37 -17.92 22.74
N GLY A 120 -6.69 -16.82 22.44
CA GLY A 120 -5.89 -16.74 21.24
C GLY A 120 -6.58 -17.06 19.93
N ARG A 121 -7.91 -17.00 19.89
N ARG A 121 -7.91 -17.07 19.90
CA ARG A 121 -8.66 -17.20 18.66
CA ARG A 121 -8.68 -17.21 18.67
C ARG A 121 -9.48 -15.94 18.38
C ARG A 121 -9.44 -15.92 18.38
N ASP A 122 -9.59 -15.62 17.09
CA ASP A 122 -10.36 -14.47 16.65
C ASP A 122 -11.75 -14.41 17.29
N TYR A 123 -12.07 -13.27 17.91
CA TYR A 123 -13.37 -13.09 18.55
C TYR A 123 -14.25 -12.00 17.94
N ILE A 124 -13.68 -10.84 17.60
CA ILE A 124 -14.43 -9.79 16.93
C ILE A 124 -13.44 -8.76 16.40
N ALA A 125 -13.71 -8.21 15.21
CA ALA A 125 -12.77 -7.29 14.60
C ALA A 125 -13.51 -6.22 13.80
N LEU A 126 -13.05 -4.97 13.95
CA LEU A 126 -13.57 -3.86 13.16
C LEU A 126 -13.11 -3.98 11.72
N ASN A 127 -14.06 -3.87 10.78
CA ASN A 127 -13.76 -4.09 9.37
C ASN A 127 -12.99 -2.91 8.78
N GLU A 128 -12.67 -3.04 7.49
CA GLU A 128 -11.90 -2.00 6.79
C GLU A 128 -12.65 -0.68 6.74
N ASP A 129 -13.99 -0.73 6.68
CA ASP A 129 -14.80 0.48 6.63
C ASP A 129 -14.86 1.20 7.96
N LEU A 130 -14.37 0.60 9.04
CA LEU A 130 -14.36 1.18 10.38
C LEU A 130 -15.75 1.45 10.92
N LYS A 131 -16.78 0.86 10.31
CA LYS A 131 -18.16 1.08 10.75
C LYS A 131 -18.94 -0.21 11.02
N THR A 132 -18.45 -1.36 10.57
CA THR A 132 -19.14 -2.64 10.78
C THR A 132 -18.17 -3.66 11.36
N TRP A 133 -18.72 -4.66 12.04
CA TRP A 133 -17.93 -5.66 12.76
C TRP A 133 -18.03 -7.02 12.11
N THR A 134 -17.06 -7.87 12.46
CA THR A 134 -17.02 -9.28 12.09
C THR A 134 -16.82 -10.11 13.34
N ALA A 135 -17.71 -11.09 13.56
CA ALA A 135 -17.70 -11.92 14.76
C ALA A 135 -17.81 -13.37 14.35
N ALA A 136 -16.78 -14.15 14.64
CA ALA A 136 -16.73 -15.57 14.32
C ALA A 136 -17.68 -16.55 15.00
N ASP A 137 -17.50 -16.73 16.32
CA ASP A 137 -18.37 -17.57 17.12
C ASP A 137 -19.75 -16.93 17.32
N MET A 138 -20.75 -17.76 17.61
CA MET A 138 -22.05 -17.21 18.01
C MET A 138 -21.93 -16.44 19.32
N ALA A 139 -21.06 -16.93 20.22
CA ALA A 139 -20.85 -16.25 21.48
C ALA A 139 -20.46 -14.79 21.30
N ALA A 140 -19.85 -14.44 20.17
CA ALA A 140 -19.52 -13.06 19.87
C ALA A 140 -20.63 -12.33 19.13
N GLN A 141 -21.61 -13.06 18.58
CA GLN A 141 -22.75 -12.38 18.01
C GLN A 141 -23.42 -11.49 19.05
N ILE A 142 -23.51 -11.97 20.30
CA ILE A 142 -23.96 -11.13 21.40
C ILE A 142 -23.24 -9.79 21.38
N THR A 143 -21.91 -9.84 21.45
CA THR A 143 -21.15 -8.60 21.58
C THR A 143 -21.38 -7.68 20.39
N ARG A 144 -21.34 -8.23 19.17
CA ARG A 144 -21.60 -7.42 17.99
C ARG A 144 -22.93 -6.69 18.09
N ARG A 145 -23.98 -7.39 18.55
CA ARG A 145 -25.29 -6.76 18.63
C ARG A 145 -25.28 -5.60 19.62
N LYS A 146 -24.59 -5.77 20.75
CA LYS A 146 -24.63 -4.72 21.74
C LYS A 146 -23.63 -3.62 21.44
N TRP A 147 -22.52 -3.94 20.77
CA TRP A 147 -21.65 -2.87 20.28
C TRP A 147 -22.28 -2.11 19.12
N GLU A 148 -23.23 -2.70 18.42
CA GLU A 148 -23.95 -1.94 17.40
C GLU A 148 -24.93 -0.96 18.04
N GLN A 149 -25.71 -1.42 19.02
N GLN A 149 -25.71 -1.42 19.02
CA GLN A 149 -26.54 -0.51 19.80
CA GLN A 149 -26.53 -0.49 19.78
C GLN A 149 -25.70 0.44 20.65
C GLN A 149 -25.69 0.46 20.63
N SER A 150 -24.44 0.10 20.90
CA SER A 150 -23.54 0.97 21.65
C SER A 150 -22.95 2.11 20.83
N GLY A 151 -23.01 2.03 19.50
CA GLY A 151 -22.25 2.99 18.70
C GLY A 151 -20.76 2.88 18.94
N ALA A 152 -20.27 1.67 19.19
CA ALA A 152 -18.87 1.50 19.60
C ALA A 152 -17.91 1.80 18.46
N ALA A 153 -18.22 1.32 17.25
CA ALA A 153 -17.33 1.56 16.12
C ALA A 153 -17.15 3.05 15.84
N GLU A 154 -18.12 3.87 16.22
CA GLU A 154 -17.97 5.31 16.03
C GLU A 154 -16.83 5.85 16.89
N HIS A 155 -16.79 5.47 18.16
CA HIS A 155 -15.69 5.88 19.03
C HIS A 155 -14.35 5.42 18.47
N TYR A 156 -14.29 4.19 17.97
CA TYR A 156 -13.01 3.62 17.55
C TYR A 156 -12.52 4.26 16.26
N LYS A 157 -13.43 4.53 15.32
CA LYS A 157 -13.04 5.23 14.11
C LYS A 157 -12.52 6.63 14.45
N ALA A 158 -13.17 7.30 15.41
CA ALA A 158 -12.70 8.61 15.84
C ALA A 158 -11.27 8.53 16.36
N TYR A 159 -10.94 7.46 17.08
CA TYR A 159 -9.57 7.27 17.52
C TYR A 159 -8.63 7.01 16.36
N LEU A 160 -8.95 6.00 15.54
CA LEU A 160 -8.04 5.57 14.48
C LEU A 160 -7.77 6.70 13.51
N GLU A 161 -8.78 7.50 13.19
CA GLU A 161 -8.61 8.62 12.30
C GLU A 161 -8.18 9.89 13.03
N GLY A 162 -8.24 9.89 14.36
CA GLY A 162 -8.03 11.06 15.18
C GLY A 162 -6.68 11.03 15.83
N GLU A 163 -6.60 10.63 17.11
CA GLU A 163 -5.35 10.73 17.84
C GLU A 163 -4.33 9.71 17.37
N CYS A 164 -4.77 8.58 16.80
CA CYS A 164 -3.84 7.58 16.32
C CYS A 164 -2.86 8.16 15.31
N VAL A 165 -3.39 8.76 14.23
CA VAL A 165 -2.50 9.25 13.19
C VAL A 165 -1.84 10.56 13.58
N GLU A 166 -2.53 11.39 14.38
CA GLU A 166 -1.89 12.62 14.86
C GLU A 166 -0.71 12.30 15.74
N TRP A 167 -0.90 11.40 16.71
CA TRP A 167 0.20 11.07 17.62
C TRP A 167 1.25 10.17 16.97
N LEU A 168 0.93 9.51 15.85
CA LEU A 168 1.98 8.80 15.13
C LEU A 168 2.97 9.79 14.53
N HIS A 169 2.48 10.93 14.04
CA HIS A 169 3.34 11.96 13.48
C HIS A 169 4.40 12.40 14.48
N ARG A 170 3.98 12.81 15.67
CA ARG A 170 4.91 13.46 16.59
C ARG A 170 5.97 12.49 17.10
N TYR A 171 5.61 11.22 17.34
CA TYR A 171 6.62 10.22 17.66
C TYR A 171 7.63 10.10 16.52
N LEU A 172 7.13 9.98 15.28
CA LEU A 172 8.01 9.85 14.12
C LEU A 172 8.98 11.01 14.01
N LYS A 173 8.49 12.23 14.21
CA LYS A 173 9.35 13.42 14.07
C LYS A 173 10.52 13.37 15.03
N ASN A 174 10.29 12.89 16.25
CA ASN A 174 11.34 12.80 17.26
C ASN A 174 12.54 12.01 16.75
N THR A 178 17.01 7.60 14.16
CA THR A 178 17.10 6.17 14.45
C THR A 178 16.03 5.38 13.71
N LEU A 179 14.84 5.97 13.59
CA LEU A 179 13.70 5.25 13.02
C LEU A 179 13.75 5.25 11.49
N LEU A 180 13.97 6.42 10.89
CA LEU A 180 14.01 6.55 9.44
C LEU A 180 15.33 6.03 8.83
N ARG A 181 16.09 5.23 9.57
CA ARG A 181 17.36 4.69 9.11
C ARG A 181 17.16 3.30 8.52
N THR A 182 18.20 2.82 7.82
CA THR A 182 18.15 1.54 7.14
C THR A 182 19.49 0.84 7.26
N ASP A 183 19.50 -0.30 7.96
CA ASP A 183 20.63 -1.22 7.96
C ASP A 183 20.35 -2.31 6.93
N SER A 184 21.34 -2.60 6.09
CA SER A 184 21.11 -3.49 4.97
C SER A 184 22.03 -4.71 5.02
N PRO A 185 21.56 -5.84 4.50
CA PRO A 185 22.08 -7.14 4.97
C PRO A 185 23.51 -7.44 4.55
N LYS A 186 24.26 -8.04 5.47
CA LYS A 186 25.44 -8.81 5.13
C LYS A 186 24.99 -10.19 4.66
N ALA A 187 25.61 -10.69 3.58
CA ALA A 187 25.13 -11.89 2.90
C ALA A 187 26.25 -12.94 2.85
N HIS A 188 26.07 -14.03 3.59
CA HIS A 188 26.97 -15.18 3.56
C HIS A 188 26.19 -16.43 3.15
N VAL A 189 26.92 -17.45 2.70
CA VAL A 189 26.35 -18.73 2.32
C VAL A 189 27.17 -19.84 2.97
N THR A 190 26.49 -20.77 3.64
CA THR A 190 27.15 -21.86 4.36
C THR A 190 27.45 -22.99 3.39
N HIS A 191 28.73 -23.26 3.14
CA HIS A 191 29.17 -24.31 2.22
C HIS A 191 29.45 -25.63 2.94
N HIS A 192 28.37 -26.27 3.38
CA HIS A 192 28.42 -27.53 4.10
C HIS A 192 27.30 -28.46 3.65
N PRO A 193 27.54 -29.78 3.64
CA PRO A 193 26.63 -30.69 2.94
C PRO A 193 26.07 -31.53 4.08
N ARG A 194 25.09 -32.36 3.75
CA ARG A 194 24.62 -33.69 4.16
C ARG A 194 25.44 -34.34 5.28
N THR A 200 23.82 -29.32 0.01
CA THR A 200 22.77 -28.48 0.58
C THR A 200 23.30 -27.11 0.99
N LEU A 201 23.31 -26.18 0.04
CA LEU A 201 23.76 -24.82 0.32
C LEU A 201 22.73 -24.08 1.17
N ARG A 202 23.16 -22.98 1.77
CA ARG A 202 22.31 -22.24 2.71
C ARG A 202 22.71 -20.77 2.71
N CYS A 203 21.80 -19.91 2.26
CA CYS A 203 22.04 -18.48 2.14
C CYS A 203 21.74 -17.77 3.45
N TRP A 204 22.63 -16.86 3.87
CA TRP A 204 22.44 -16.10 5.09
C TRP A 204 22.32 -14.61 4.75
N ALA A 205 21.39 -13.94 5.43
CA ALA A 205 21.21 -12.49 5.34
C ALA A 205 21.18 -11.95 6.76
N LEU A 206 22.26 -11.27 7.17
CA LEU A 206 22.44 -10.87 8.56
C LEU A 206 22.50 -9.35 8.68
N GLY A 207 22.06 -8.85 9.84
CA GLY A 207 22.25 -7.47 10.23
C GLY A 207 21.55 -6.45 9.35
N PHE A 208 20.26 -6.63 9.09
CA PHE A 208 19.50 -5.72 8.26
C PHE A 208 18.35 -5.12 9.05
N TYR A 209 17.88 -3.95 8.59
CA TYR A 209 16.71 -3.31 9.15
C TYR A 209 16.04 -2.49 8.05
N PRO A 210 14.71 -2.53 7.92
CA PRO A 210 13.77 -3.31 8.73
C PRO A 210 13.71 -4.78 8.34
N ALA A 211 12.72 -5.50 8.86
CA ALA A 211 12.67 -6.95 8.75
C ALA A 211 12.11 -7.45 7.42
N ASP A 212 11.60 -6.58 6.56
CA ASP A 212 10.98 -7.01 5.31
C ASP A 212 12.08 -7.35 4.31
N ILE A 213 12.41 -8.64 4.22
CA ILE A 213 13.44 -9.14 3.32
C ILE A 213 12.88 -10.33 2.55
N THR A 214 13.55 -10.68 1.44
CA THR A 214 13.11 -11.78 0.61
C THR A 214 14.32 -12.44 -0.05
N LEU A 215 14.42 -13.77 0.10
CA LEU A 215 15.50 -14.56 -0.47
C LEU A 215 14.92 -15.70 -1.30
N THR A 216 15.53 -15.94 -2.48
CA THR A 216 15.20 -17.10 -3.31
C THR A 216 16.47 -17.63 -3.98
N TRP A 217 16.35 -18.83 -4.54
CA TRP A 217 17.45 -19.53 -5.18
C TRP A 217 17.22 -19.63 -6.68
N GLN A 218 18.27 -19.35 -7.46
CA GLN A 218 18.30 -19.44 -8.93
C GLN A 218 16.94 -19.33 -9.62
N LEU A 230 14.29 -22.25 4.16
CA LEU A 230 13.19 -21.42 4.63
C LEU A 230 13.10 -21.35 6.16
N VAL A 231 13.15 -20.12 6.70
CA VAL A 231 12.90 -19.89 8.12
C VAL A 231 12.49 -18.43 8.28
N GLU A 232 11.73 -18.16 9.35
CA GLU A 232 11.10 -16.85 9.51
C GLU A 232 12.13 -15.79 9.90
N THR A 233 11.94 -14.58 9.34
CA THR A 233 12.78 -13.44 9.71
C THR A 233 12.65 -13.17 11.20
N ARG A 234 13.77 -13.06 11.88
CA ARG A 234 13.80 -13.04 13.32
C ARG A 234 14.77 -11.99 13.83
N PRO A 235 14.55 -11.47 15.04
CA PRO A 235 15.44 -10.42 15.56
C PRO A 235 16.78 -11.00 15.96
N ALA A 236 17.84 -10.23 15.71
CA ALA A 236 19.19 -10.69 15.97
C ALA A 236 19.69 -10.31 17.36
N GLY A 237 18.82 -9.82 18.23
CA GLY A 237 19.17 -9.51 19.60
C GLY A 237 19.67 -8.10 19.84
N ASP A 238 19.80 -7.29 18.81
CA ASP A 238 20.35 -5.94 18.94
C ASP A 238 19.55 -4.87 18.21
N GLY A 239 18.33 -5.19 17.77
CA GLY A 239 17.54 -4.25 17.01
C GLY A 239 17.53 -4.45 15.51
N THR A 240 18.28 -5.43 14.99
CA THR A 240 18.25 -5.79 13.59
C THR A 240 17.88 -7.27 13.46
N PHE A 241 17.80 -7.75 12.22
CA PHE A 241 17.14 -9.03 11.94
C PHE A 241 18.07 -9.95 11.17
N GLN A 242 17.56 -11.14 10.88
CA GLN A 242 18.36 -12.24 10.35
C GLN A 242 17.42 -13.23 9.68
N LYS A 243 17.92 -13.93 8.66
CA LYS A 243 17.12 -14.90 7.92
C LYS A 243 18.06 -15.78 7.10
N TRP A 244 17.66 -17.03 6.92
CA TRP A 244 18.35 -17.90 5.96
C TRP A 244 17.34 -18.62 5.09
N ALA A 245 17.83 -19.07 3.93
CA ALA A 245 17.06 -19.88 2.99
C ALA A 245 17.89 -21.11 2.63
N SER A 246 17.23 -22.26 2.54
CA SER A 246 17.88 -23.55 2.36
C SER A 246 17.58 -24.11 0.97
N VAL A 247 18.56 -24.75 0.36
CA VAL A 247 18.39 -25.35 -0.95
C VAL A 247 18.86 -26.81 -0.96
N GLN A 255 27.50 -25.87 -8.95
CA GLN A 255 27.55 -24.45 -8.62
C GLN A 255 26.73 -23.64 -9.62
N ASN A 256 25.72 -24.29 -10.22
CA ASN A 256 24.83 -23.64 -11.17
C ASN A 256 23.61 -23.01 -10.50
N TYR A 257 23.74 -22.61 -9.24
CA TYR A 257 22.64 -21.99 -8.50
C TYR A 257 23.13 -20.69 -7.89
N THR A 258 22.23 -19.69 -7.85
CA THR A 258 22.54 -18.37 -7.31
C THR A 258 21.48 -17.99 -6.28
N CYS A 259 21.91 -17.20 -5.29
CA CYS A 259 21.02 -16.71 -4.24
C CYS A 259 20.86 -15.21 -4.37
N ARG A 260 19.63 -14.74 -4.50
CA ARG A 260 19.32 -13.33 -4.67
C ARG A 260 18.69 -12.79 -3.40
N VAL A 261 19.15 -11.62 -2.96
CA VAL A 261 18.64 -10.94 -1.77
C VAL A 261 17.81 -9.74 -2.20
N TYR A 262 16.68 -9.54 -1.54
CA TYR A 262 15.81 -8.40 -1.85
C TYR A 262 15.41 -7.72 -0.55
N HIS A 263 15.82 -6.48 -0.38
CA HIS A 263 15.53 -5.73 0.83
C HIS A 263 15.32 -4.26 0.48
N GLU A 264 14.62 -3.56 1.36
CA GLU A 264 14.30 -2.15 1.14
C GLU A 264 15.56 -1.33 0.88
N GLY A 265 16.48 -1.30 1.85
CA GLY A 265 17.74 -0.64 1.64
C GLY A 265 18.67 -1.43 0.75
N LEU A 266 18.38 -1.44 -0.54
CA LEU A 266 19.24 -2.12 -1.50
C LEU A 266 19.17 -1.38 -2.82
N PRO A 267 20.30 -0.93 -3.36
CA PRO A 267 20.27 -0.30 -4.69
C PRO A 267 19.64 -1.22 -5.74
N GLU A 268 20.16 -2.44 -5.85
CA GLU A 268 19.56 -3.50 -6.63
C GLU A 268 19.72 -4.80 -5.84
N PRO A 269 18.79 -5.75 -6.00
CA PRO A 269 18.93 -7.04 -5.33
C PRO A 269 20.30 -7.68 -5.56
N LEU A 270 20.91 -8.15 -4.48
CA LEU A 270 22.27 -8.68 -4.50
C LEU A 270 22.27 -10.17 -4.80
N THR A 271 23.34 -10.64 -5.44
CA THR A 271 23.48 -12.02 -5.87
C THR A 271 24.70 -12.67 -5.24
N LEU A 272 24.63 -13.99 -5.05
CA LEU A 272 25.73 -14.77 -4.50
C LEU A 272 25.51 -16.24 -4.81
N ARG A 273 26.54 -16.91 -5.31
CA ARG A 273 26.45 -18.32 -5.68
C ARG A 273 27.13 -19.22 -4.64
N ILE B 3 -7.18 -23.40 22.20
CA ILE B 3 -6.19 -24.42 21.92
C ILE B 3 -4.86 -23.94 22.46
N GLN B 4 -4.09 -24.88 23.02
CA GLN B 4 -2.73 -24.59 23.46
C GLN B 4 -1.77 -24.99 22.35
N LYS B 5 -0.72 -24.18 22.18
CA LYS B 5 0.21 -24.31 21.07
C LYS B 5 1.61 -24.46 21.62
N THR B 6 2.28 -25.55 21.27
CA THR B 6 3.64 -25.76 21.76
C THR B 6 4.56 -24.74 21.09
N PRO B 7 5.56 -24.24 21.81
CA PRO B 7 6.43 -23.18 21.25
C PRO B 7 7.31 -23.66 20.11
N GLN B 8 8.08 -22.74 19.53
CA GLN B 8 9.01 -23.03 18.45
C GLN B 8 10.36 -22.40 18.79
N ILE B 9 11.35 -23.23 19.09
CA ILE B 9 12.66 -22.77 19.56
C ILE B 9 13.60 -22.60 18.39
N GLN B 10 14.32 -21.49 18.37
CA GLN B 10 15.41 -21.31 17.44
C GLN B 10 16.56 -20.63 18.18
N VAL B 11 17.73 -21.24 18.16
CA VAL B 11 18.92 -20.67 18.78
C VAL B 11 19.88 -20.30 17.66
N TYR B 12 20.39 -19.07 17.73
CA TYR B 12 21.26 -18.57 16.67
C TYR B 12 22.10 -17.42 17.22
N SER B 13 23.22 -17.16 16.54
CA SER B 13 24.15 -16.11 16.91
C SER B 13 23.85 -14.84 16.12
N ARG B 14 24.34 -13.71 16.65
CA ARG B 14 24.12 -12.42 15.99
C ARG B 14 25.02 -12.29 14.76
N HIS B 15 26.32 -12.48 14.94
CA HIS B 15 27.32 -12.52 13.88
C HIS B 15 27.73 -13.96 13.62
N PRO B 16 28.36 -14.25 12.49
CA PRO B 16 28.97 -15.57 12.31
C PRO B 16 30.07 -15.79 13.34
N PRO B 17 29.99 -16.86 14.13
CA PRO B 17 30.88 -17.00 15.29
C PRO B 17 32.34 -17.17 14.90
N GLU B 18 33.21 -16.38 15.53
CA GLU B 18 34.65 -16.53 15.39
C GLU B 18 35.27 -16.43 16.78
N ASN B 19 36.12 -17.39 17.12
CA ASN B 19 36.63 -17.50 18.49
C ASN B 19 37.44 -16.26 18.87
N GLY B 20 36.93 -15.51 19.84
CA GLY B 20 37.56 -14.31 20.35
C GLY B 20 36.78 -13.03 20.07
N LYS B 21 35.86 -13.04 19.11
CA LYS B 21 35.14 -11.83 18.73
C LYS B 21 33.79 -11.81 19.42
N PRO B 22 33.47 -10.74 20.17
CA PRO B 22 32.19 -10.70 20.90
C PRO B 22 30.99 -10.95 20.01
N ASN B 23 29.90 -11.39 20.62
CA ASN B 23 28.71 -11.77 19.86
C ASN B 23 27.50 -11.66 20.77
N ILE B 24 26.33 -11.84 20.18
CA ILE B 24 25.10 -12.08 20.92
C ILE B 24 24.60 -13.46 20.54
N LEU B 25 24.09 -14.19 21.52
CA LEU B 25 23.42 -15.46 21.29
C LEU B 25 21.93 -15.28 21.48
N ASN B 26 21.15 -15.70 20.50
CA ASN B 26 19.70 -15.54 20.57
C ASN B 26 19.04 -16.90 20.76
N CYS B 27 17.94 -16.87 21.50
CA CYS B 27 16.99 -17.98 21.56
C CYS B 27 15.61 -17.39 21.31
N TYR B 28 15.00 -17.77 20.20
CA TYR B 28 13.78 -17.15 19.72
C TYR B 28 12.67 -18.19 19.78
N VAL B 29 11.68 -17.96 20.62
CA VAL B 29 10.59 -18.91 20.85
C VAL B 29 9.27 -18.26 20.46
N THR B 30 8.52 -18.93 19.60
CA THR B 30 7.37 -18.34 18.94
C THR B 30 6.24 -19.36 18.84
N GLN B 31 5.09 -18.86 18.40
CA GLN B 31 3.94 -19.71 18.09
C GLN B 31 3.49 -20.54 19.29
N PHE B 32 3.45 -19.91 20.46
CA PHE B 32 2.99 -20.64 21.65
C PHE B 32 1.83 -19.91 22.32
N HIS B 33 1.16 -20.66 23.19
CA HIS B 33 -0.01 -20.28 23.96
C HIS B 33 -0.20 -21.36 25.03
N PRO B 34 -0.56 -21.01 26.28
CA PRO B 34 -0.76 -19.67 26.85
C PRO B 34 0.57 -18.95 27.01
N PRO B 35 0.57 -17.67 27.35
CA PRO B 35 1.84 -16.92 27.38
C PRO B 35 2.82 -17.39 28.43
N HIS B 36 2.35 -17.96 29.55
CA HIS B 36 3.25 -18.31 30.64
C HIS B 36 4.30 -19.29 30.17
N ILE B 37 5.57 -18.90 30.27
CA ILE B 37 6.66 -19.68 29.70
C ILE B 37 7.95 -19.34 30.44
N GLU B 38 8.84 -20.31 30.56
CA GLU B 38 10.12 -20.13 31.24
C GLU B 38 11.26 -20.45 30.30
N ILE B 39 12.24 -19.55 30.24
CA ILE B 39 13.37 -19.65 29.33
C ILE B 39 14.65 -19.45 30.12
N GLN B 40 15.61 -20.35 29.91
CA GLN B 40 16.91 -20.24 30.54
C GLN B 40 17.96 -20.63 29.51
N MET B 41 18.94 -19.76 29.30
CA MET B 41 20.03 -20.05 28.39
C MET B 41 21.19 -20.66 29.16
N LEU B 42 21.86 -21.63 28.53
CA LEU B 42 22.85 -22.45 29.21
C LEU B 42 24.19 -22.41 28.50
N LYS B 43 25.26 -22.37 29.30
CA LYS B 43 26.64 -22.49 28.81
C LYS B 43 27.21 -23.74 29.44
N ASN B 44 27.20 -24.84 28.68
CA ASN B 44 27.68 -26.14 29.15
C ASN B 44 26.87 -26.62 30.35
N GLY B 45 25.55 -26.53 30.23
CA GLY B 45 24.66 -26.97 31.28
C GLY B 45 24.57 -26.04 32.48
N LYS B 46 25.11 -24.84 32.39
CA LYS B 46 25.08 -23.87 33.48
C LYS B 46 24.19 -22.69 33.09
N LYS B 47 23.25 -22.35 33.96
CA LYS B 47 22.37 -21.22 33.69
C LYS B 47 23.20 -19.93 33.63
N ILE B 48 23.14 -19.27 32.48
CA ILE B 48 23.88 -18.01 32.26
C ILE B 48 23.30 -16.93 33.18
N PRO B 49 24.13 -16.29 34.02
CA PRO B 49 23.63 -15.50 35.16
C PRO B 49 22.49 -14.54 34.87
N LYS B 50 22.67 -13.60 33.96
CA LYS B 50 21.67 -12.55 33.69
C LYS B 50 21.43 -12.48 32.19
N VAL B 51 20.40 -13.16 31.70
CA VAL B 51 20.06 -13.15 30.28
C VAL B 51 18.99 -12.09 30.04
N GLU B 52 19.28 -11.18 29.10
CA GLU B 52 18.31 -10.15 28.75
C GLU B 52 17.22 -10.75 27.88
N MET B 53 15.97 -10.49 28.24
CA MET B 53 14.83 -11.02 27.52
C MET B 53 13.96 -9.89 27.01
N SER B 54 13.36 -10.11 25.85
CA SER B 54 12.48 -9.13 25.26
C SER B 54 11.19 -9.01 26.07
N ASP B 55 10.43 -7.97 25.75
CA ASP B 55 9.08 -7.85 26.27
C ASP B 55 8.15 -8.64 25.35
N MET B 56 7.35 -9.52 25.93
CA MET B 56 6.58 -10.45 25.13
C MET B 56 5.50 -9.73 24.35
N SER B 57 5.47 -9.97 23.04
CA SER B 57 4.41 -9.53 22.15
C SER B 57 3.78 -10.76 21.52
N PHE B 58 2.83 -10.53 20.61
CA PHE B 58 2.20 -11.64 19.91
C PHE B 58 2.03 -11.32 18.44
N SER B 59 2.14 -12.36 17.61
CA SER B 59 2.12 -12.23 16.17
C SER B 59 0.70 -11.91 15.67
N LYS B 60 0.53 -11.91 14.35
CA LYS B 60 -0.76 -11.59 13.75
C LYS B 60 -1.80 -12.68 14.02
N ASP B 61 -1.38 -13.93 14.14
CA ASP B 61 -2.29 -15.02 14.45
C ASP B 61 -2.55 -15.17 15.94
N TRP B 62 -2.15 -14.18 16.73
CA TRP B 62 -2.38 -14.04 18.17
C TRP B 62 -1.47 -14.92 19.00
N SER B 63 -0.64 -15.77 18.39
CA SER B 63 0.29 -16.57 19.17
C SER B 63 1.40 -15.68 19.71
N PHE B 64 1.86 -16.00 20.91
CA PHE B 64 2.85 -15.18 21.59
C PHE B 64 4.27 -15.57 21.16
N TYR B 65 5.15 -14.56 21.11
CA TYR B 65 6.57 -14.76 20.82
C TYR B 65 7.40 -13.95 21.81
N ILE B 66 8.61 -14.42 22.10
CA ILE B 66 9.51 -13.74 23.02
C ILE B 66 10.95 -14.10 22.65
N LEU B 67 11.85 -13.13 22.79
CA LEU B 67 13.26 -13.27 22.39
C LEU B 67 14.16 -13.17 23.60
N ALA B 68 14.95 -14.21 23.83
CA ALA B 68 15.95 -14.23 24.89
C ALA B 68 17.34 -14.16 24.27
N HIS B 69 18.13 -13.18 24.69
CA HIS B 69 19.47 -13.00 24.13
C HIS B 69 20.45 -12.66 25.24
N THR B 70 21.73 -12.93 24.97
CA THR B 70 22.81 -12.56 25.87
C THR B 70 24.06 -12.29 25.04
N GLU B 71 24.77 -11.21 25.38
CA GLU B 71 26.10 -11.03 24.83
C GLU B 71 27.00 -12.18 25.28
N PHE B 72 27.89 -12.60 24.39
CA PHE B 72 28.80 -13.69 24.66
C PHE B 72 29.89 -13.69 23.60
N THR B 73 31.00 -14.35 23.93
CA THR B 73 32.13 -14.51 23.02
C THR B 73 32.47 -15.99 22.98
N PRO B 74 32.22 -16.68 21.87
CA PRO B 74 32.11 -18.14 21.91
C PRO B 74 33.45 -18.86 21.96
N THR B 75 33.36 -20.11 22.41
CA THR B 75 34.47 -21.05 22.39
C THR B 75 34.13 -22.19 21.42
N GLU B 76 35.15 -22.67 20.71
CA GLU B 76 34.94 -23.79 19.78
C GLU B 76 34.68 -25.10 20.51
N THR B 77 35.26 -25.27 21.71
CA THR B 77 34.98 -26.43 22.56
C THR B 77 33.99 -26.11 23.66
N ASP B 78 32.98 -25.27 23.39
CA ASP B 78 31.92 -24.99 24.35
C ASP B 78 30.58 -25.09 23.65
N THR B 79 29.58 -25.59 24.36
CA THR B 79 28.24 -25.76 23.84
C THR B 79 27.29 -24.77 24.50
N TYR B 80 26.28 -24.34 23.74
CA TYR B 80 25.29 -23.39 24.23
C TYR B 80 23.91 -23.91 23.89
N ALA B 81 22.98 -23.80 24.83
CA ALA B 81 21.66 -24.38 24.69
C ALA B 81 20.62 -23.47 25.32
N CYS B 82 19.38 -23.66 24.88
CA CYS B 82 18.23 -22.94 25.39
C CYS B 82 17.22 -23.97 25.90
N ARG B 83 16.67 -23.73 27.09
CA ARG B 83 15.79 -24.70 27.73
C ARG B 83 14.47 -24.03 28.06
N VAL B 84 13.37 -24.61 27.59
CA VAL B 84 12.04 -24.03 27.71
C VAL B 84 11.16 -24.98 28.49
N LYS B 85 10.29 -24.41 29.31
CA LYS B 85 9.27 -25.18 30.03
C LYS B 85 7.94 -24.49 29.81
N HIS B 86 6.95 -25.26 29.34
CA HIS B 86 5.65 -24.72 28.95
C HIS B 86 4.60 -25.80 29.19
N ASP B 87 3.34 -25.36 29.34
CA ASP B 87 2.26 -26.29 29.61
C ASP B 87 2.09 -27.32 28.50
N SER B 88 2.47 -26.97 27.28
CA SER B 88 2.27 -27.83 26.13
C SER B 88 3.28 -28.96 26.05
N MET B 89 4.27 -29.00 26.92
CA MET B 89 5.26 -30.07 26.91
C MET B 89 5.24 -30.83 28.23
N ALA B 90 5.46 -32.14 28.13
CA ALA B 90 5.59 -32.96 29.32
C ALA B 90 6.75 -32.48 30.19
N GLU B 91 7.97 -32.58 29.68
CA GLU B 91 9.16 -32.08 30.35
C GLU B 91 9.86 -31.05 29.47
N PRO B 92 10.71 -30.20 30.06
CA PRO B 92 11.37 -29.14 29.29
C PRO B 92 12.03 -29.61 27.99
N LYS B 93 12.07 -28.70 27.02
CA LYS B 93 12.70 -28.95 25.72
C LYS B 93 13.98 -28.10 25.62
N THR B 94 15.08 -28.75 25.27
CA THR B 94 16.38 -28.10 25.14
C THR B 94 16.81 -28.12 23.68
N VAL B 95 17.20 -26.97 23.16
CA VAL B 95 17.70 -26.84 21.80
C VAL B 95 19.10 -26.25 21.84
N TYR B 96 20.05 -26.93 21.19
CA TYR B 96 21.44 -26.51 21.16
C TYR B 96 21.72 -25.61 19.95
N TRP B 97 22.90 -24.99 19.96
CA TRP B 97 23.18 -23.87 19.06
C TRP B 97 23.46 -24.33 17.63
N ASP B 98 24.42 -25.24 17.44
CA ASP B 98 24.89 -25.63 16.11
C ASP B 98 25.69 -24.73 15.18
N ARG B 99 26.82 -24.21 15.67
CA ARG B 99 27.53 -23.05 15.16
C ARG B 99 27.62 -23.03 13.64
N ASP B 100 27.45 -24.19 12.99
CA ASP B 100 27.52 -24.23 11.54
C ASP B 100 26.34 -23.51 10.90
N MET B 101 25.13 -24.02 11.11
CA MET B 101 23.94 -23.48 10.47
C MET B 101 22.64 -24.00 11.09
N LYS C 1 -0.44 7.02 21.03
CA LYS C 1 -1.23 7.08 22.23
C LYS C 1 -2.26 5.96 22.23
N ALA C 2 -2.32 5.20 23.33
CA ALA C 2 -3.20 4.05 23.41
C ALA C 2 -4.66 4.46 23.20
N VAL C 3 -5.49 3.48 22.98
CA VAL C 3 -6.92 3.69 22.78
C VAL C 3 -7.66 3.39 24.07
N TYR C 4 -8.73 4.14 24.30
CA TYR C 4 -9.63 3.94 25.43
C TYR C 4 -10.85 3.16 24.94
N ASN C 5 -11.13 2.02 25.57
CA ASN C 5 -12.26 1.16 25.16
C ASN C 5 -13.59 1.60 25.74
N DPN C 6 -14.60 1.73 24.87
CA DPN C 6 -16.00 1.92 25.23
C DPN C 6 -16.61 0.66 25.83
O DPN C 6 -16.07 0.07 26.77
CB DPN C 6 -16.22 3.08 26.20
CG DPN C 6 -16.05 4.43 25.57
CD1 DPN C 6 -17.01 4.90 24.70
CD2 DPN C 6 -14.97 5.22 25.86
CE1 DPN C 6 -16.88 6.14 24.12
CE2 DPN C 6 -14.83 6.46 25.29
CZ DPN C 6 -15.79 6.92 24.41
N ALA C 7 -17.74 0.26 25.25
CA ALA C 7 -18.55 -0.84 25.79
C ALA C 7 -17.74 -2.13 25.91
N THR C 8 -17.92 -2.86 27.01
CA THR C 8 -17.21 -4.11 27.20
C THR C 8 -17.85 -5.20 26.34
N MET C 9 -17.32 -6.41 26.46
CA MET C 9 -17.78 -7.53 25.67
C MET C 9 -19.06 -8.11 26.25
N GLY D 1 10.59 2.23 -3.11
CA GLY D 1 9.47 3.11 -3.42
C GLY D 1 8.41 2.44 -4.28
N PRO D 2 7.16 2.88 -4.13
CA PRO D 2 6.06 2.30 -4.91
C PRO D 2 6.25 2.58 -6.40
N HIS D 3 6.27 1.51 -7.19
CA HIS D 3 6.56 1.63 -8.61
C HIS D 3 5.61 0.75 -9.42
N SER D 4 5.28 1.22 -10.62
CA SER D 4 4.34 0.53 -11.47
C SER D 4 4.67 0.81 -12.93
N MET D 5 4.41 -0.18 -13.78
CA MET D 5 4.49 -0.01 -15.22
C MET D 5 3.25 -0.65 -15.82
N ARG D 6 2.55 0.08 -16.69
CA ARG D 6 1.28 -0.39 -17.22
C ARG D 6 1.19 -0.12 -18.72
N TYR D 7 0.24 -0.81 -19.37
CA TYR D 7 0.05 -0.72 -20.81
C TYR D 7 -1.43 -0.63 -21.10
N PHE D 8 -1.85 0.46 -21.77
CA PHE D 8 -3.24 0.69 -22.13
C PHE D 8 -3.38 0.51 -23.64
N GLU D 9 -4.12 -0.52 -24.04
CA GLU D 9 -4.30 -0.86 -25.44
C GLU D 9 -5.77 -0.73 -25.83
N THR D 10 -6.04 0.07 -26.86
CA THR D 10 -7.40 0.34 -27.31
C THR D 10 -7.55 -0.07 -28.77
N ALA D 11 -8.72 -0.61 -29.10
CA ALA D 11 -9.05 -0.98 -30.47
C ALA D 11 -10.46 -0.50 -30.77
N VAL D 12 -10.58 0.39 -31.76
CA VAL D 12 -11.86 0.95 -32.16
C VAL D 12 -12.09 0.64 -33.63
N SER D 13 -13.08 -0.18 -33.90
CA SER D 13 -13.63 -0.41 -35.24
C SER D 13 -14.84 0.47 -35.54
N ARG D 14 -14.89 0.98 -36.76
CA ARG D 14 -15.96 1.88 -37.15
C ARG D 14 -16.49 1.46 -38.51
N PRO D 15 -17.71 1.85 -38.86
CA PRO D 15 -18.28 1.40 -40.14
C PRO D 15 -17.58 1.98 -41.35
N GLY D 16 -17.05 3.20 -41.25
CA GLY D 16 -16.32 3.80 -42.36
C GLY D 16 -15.03 3.05 -42.68
N LEU D 17 -14.06 3.13 -41.76
CA LEU D 17 -12.79 2.45 -41.96
C LEU D 17 -12.97 0.94 -41.89
N GLU D 18 -12.46 0.24 -42.90
CA GLU D 18 -12.55 -1.22 -42.96
C GLU D 18 -11.54 -1.92 -42.06
N GLU D 19 -10.79 -1.18 -41.25
CA GLU D 19 -9.83 -1.74 -40.31
C GLU D 19 -9.83 -0.90 -39.04
N PRO D 20 -9.98 -1.51 -37.88
CA PRO D 20 -10.00 -0.76 -36.63
C PRO D 20 -8.64 -0.18 -36.27
N ARG D 21 -8.68 0.99 -35.62
CA ARG D 21 -7.47 1.62 -35.10
C ARG D 21 -7.05 0.94 -33.80
N TYR D 22 -5.78 0.59 -33.72
CA TYR D 22 -5.17 0.01 -32.53
C TYR D 22 -4.16 1.01 -31.97
N ILE D 23 -4.32 1.36 -30.70
CA ILE D 23 -3.42 2.28 -30.02
C ILE D 23 -3.01 1.67 -28.68
N SER D 24 -1.71 1.72 -28.38
CA SER D 24 -1.19 1.15 -27.13
C SER D 24 -0.18 2.12 -26.56
N VAL D 25 -0.42 2.58 -25.34
CA VAL D 25 0.46 3.50 -24.64
C VAL D 25 0.97 2.82 -23.38
N GLY D 26 2.27 2.86 -23.16
CA GLY D 26 2.88 2.30 -21.97
C GLY D 26 3.19 3.39 -20.96
N TYR D 27 3.12 3.04 -19.68
CA TYR D 27 3.40 3.98 -18.60
C TYR D 27 4.33 3.34 -17.60
N VAL D 28 5.22 4.15 -17.02
CA VAL D 28 5.98 3.79 -15.83
C VAL D 28 5.76 4.90 -14.82
N ASP D 29 5.20 4.54 -13.66
CA ASP D 29 4.86 5.52 -12.63
C ASP D 29 4.04 6.67 -13.22
N ASN D 30 2.97 6.30 -13.95
CA ASN D 30 2.07 7.26 -14.58
C ASN D 30 2.81 8.26 -15.47
N LYS D 31 3.87 7.80 -16.15
CA LYS D 31 4.59 8.63 -17.10
C LYS D 31 4.69 7.85 -18.41
N GLU D 32 4.33 8.51 -19.51
CA GLU D 32 4.25 7.85 -20.80
C GLU D 32 5.58 7.79 -21.56
N PHE D 33 6.02 6.58 -21.88
CA PHE D 33 7.35 6.37 -22.45
C PHE D 33 7.35 5.63 -23.79
N VAL D 34 6.28 4.92 -24.14
CA VAL D 34 6.15 4.27 -25.44
C VAL D 34 4.74 4.57 -25.97
N ARG D 35 4.61 4.51 -27.30
CA ARG D 35 3.29 4.67 -27.91
C ARG D 35 3.27 4.05 -29.29
N PHE D 36 2.23 3.25 -29.55
CA PHE D 36 1.99 2.63 -30.85
C PHE D 36 0.66 3.14 -31.38
N ASP D 37 0.68 3.72 -32.58
CA ASP D 37 -0.55 4.12 -33.26
C ASP D 37 -0.78 3.23 -34.47
N SER D 38 -2.05 3.03 -34.80
CA SER D 38 -2.39 2.16 -35.92
C SER D 38 -2.08 2.83 -37.25
N ASP D 39 -2.32 4.14 -37.36
CA ASP D 39 -2.29 4.78 -38.68
C ASP D 39 -1.27 5.89 -38.77
N ALA D 40 -0.20 5.82 -37.98
CA ALA D 40 0.96 6.65 -38.28
C ALA D 40 1.52 6.25 -39.63
N GLU D 41 2.19 7.21 -40.29
CA GLU D 41 2.70 7.04 -41.65
C GLU D 41 3.33 5.67 -41.86
N ASN D 42 4.06 5.18 -40.86
CA ASN D 42 4.55 3.81 -40.80
C ASN D 42 4.43 3.37 -39.35
N PRO D 43 3.46 2.50 -39.02
CA PRO D 43 3.23 2.15 -37.62
C PRO D 43 4.49 1.60 -36.95
N ARG D 44 4.80 2.13 -35.77
CA ARG D 44 6.03 1.78 -35.07
C ARG D 44 5.88 2.20 -33.61
N TYR D 45 6.63 1.54 -32.75
CA TYR D 45 6.66 1.86 -31.32
C TYR D 45 7.62 3.02 -31.11
N GLU D 46 7.12 4.24 -31.23
CA GLU D 46 7.95 5.40 -31.00
C GLU D 46 8.20 5.60 -29.51
N PRO D 47 9.34 6.18 -29.15
CA PRO D 47 9.56 6.60 -27.76
C PRO D 47 9.01 8.00 -27.52
N ARG D 48 8.59 8.24 -26.27
CA ARG D 48 8.05 9.53 -25.88
C ARG D 48 8.65 10.08 -24.59
N ALA D 49 9.50 9.34 -23.94
CA ALA D 49 10.29 9.84 -22.83
C ALA D 49 11.72 10.09 -23.27
N PRO D 50 12.38 11.14 -22.74
CA PRO D 50 13.74 11.44 -23.19
C PRO D 50 14.76 10.38 -22.80
N TRP D 51 14.53 9.65 -21.70
CA TRP D 51 15.44 8.62 -21.24
C TRP D 51 15.28 7.30 -21.99
N MET D 52 14.47 7.28 -23.05
CA MET D 52 14.14 6.06 -23.76
C MET D 52 15.01 5.82 -24.99
N GLU D 53 15.37 6.88 -25.71
CA GLU D 53 16.06 6.74 -27.00
C GLU D 53 17.41 6.07 -26.87
N GLN D 54 17.85 5.78 -25.64
CA GLN D 54 19.07 5.00 -25.45
C GLN D 54 18.92 3.56 -25.90
N GLU D 55 17.69 3.09 -26.14
CA GLU D 55 17.46 1.71 -26.56
C GLU D 55 17.95 1.48 -27.99
N GLY D 56 18.36 0.24 -28.27
CA GLY D 56 18.80 -0.15 -29.59
C GLY D 56 17.64 -0.53 -30.48
N PRO D 57 17.85 -0.45 -31.80
CA PRO D 57 16.75 -0.75 -32.74
C PRO D 57 16.21 -2.17 -32.63
N GLU D 58 17.00 -3.12 -32.12
CA GLU D 58 16.48 -4.48 -31.92
C GLU D 58 15.40 -4.50 -30.85
N TYR D 59 15.57 -3.72 -29.79
CA TYR D 59 14.54 -3.63 -28.76
C TYR D 59 13.23 -3.08 -29.34
N TRP D 60 13.33 -2.12 -30.27
CA TRP D 60 12.14 -1.65 -30.97
C TRP D 60 11.49 -2.77 -31.74
N GLU D 61 12.26 -3.45 -32.60
CA GLU D 61 11.71 -4.43 -33.53
C GLU D 61 10.86 -5.48 -32.84
N ARG D 62 11.40 -6.10 -31.78
CA ARG D 62 10.62 -7.11 -31.06
C ARG D 62 9.35 -6.51 -30.46
N GLU D 63 9.40 -5.24 -30.05
CA GLU D 63 8.21 -4.62 -29.47
C GLU D 63 7.17 -4.30 -30.54
N THR D 64 7.57 -3.57 -31.59
CA THR D 64 6.62 -3.22 -32.63
C THR D 64 6.15 -4.46 -33.41
N GLN D 65 6.88 -5.58 -33.32
CA GLN D 65 6.38 -6.84 -33.84
C GLN D 65 5.51 -7.58 -32.84
N LYS D 66 5.71 -7.34 -31.54
CA LYS D 66 4.73 -7.78 -30.55
C LYS D 66 3.41 -7.04 -30.72
N ALA D 67 3.44 -5.89 -31.38
CA ALA D 67 2.28 -5.02 -31.52
C ALA D 67 1.48 -5.32 -32.77
N LYS D 68 2.16 -5.43 -33.91
CA LYS D 68 1.48 -5.94 -35.11
C LYS D 68 0.73 -7.22 -34.79
N GLY D 69 1.27 -8.03 -33.88
CA GLY D 69 0.60 -9.26 -33.50
C GLY D 69 -0.74 -9.00 -32.84
N GLN D 70 -0.79 -8.05 -31.90
CA GLN D 70 -2.02 -7.79 -31.18
C GLN D 70 -2.95 -6.84 -31.91
N GLU D 71 -2.42 -6.02 -32.80
CA GLU D 71 -3.30 -5.27 -33.70
C GLU D 71 -4.25 -6.23 -34.39
N GLN D 72 -3.77 -7.42 -34.75
CA GLN D 72 -4.64 -8.46 -35.28
C GLN D 72 -5.44 -9.15 -34.18
N TRP D 73 -4.78 -9.47 -33.05
CA TRP D 73 -5.45 -10.12 -31.93
C TRP D 73 -6.69 -9.35 -31.49
N PHE D 74 -6.59 -8.02 -31.46
CA PHE D 74 -7.76 -7.20 -31.16
C PHE D 74 -8.76 -7.24 -32.29
N ARG D 75 -8.28 -7.13 -33.53
CA ARG D 75 -9.18 -7.08 -34.69
C ARG D 75 -10.09 -8.30 -34.72
N VAL D 76 -9.53 -9.50 -34.56
CA VAL D 76 -10.35 -10.70 -34.73
C VAL D 76 -11.20 -10.99 -33.50
N SER D 77 -10.78 -10.51 -32.32
CA SER D 77 -11.55 -10.64 -31.09
C SER D 77 -12.78 -9.76 -31.11
N LEU D 78 -12.63 -8.55 -31.61
CA LEU D 78 -13.77 -7.68 -31.81
C LEU D 78 -14.80 -8.33 -32.74
N ARG D 79 -14.33 -8.99 -33.80
CA ARG D 79 -15.23 -9.73 -34.66
C ARG D 79 -15.98 -10.79 -33.85
N ASN D 80 -15.28 -11.47 -32.96
CA ASN D 80 -15.93 -12.48 -32.12
C ASN D 80 -17.00 -11.86 -31.23
N LEU D 81 -16.68 -10.72 -30.59
CA LEU D 81 -17.63 -10.13 -29.66
C LEU D 81 -18.90 -9.67 -30.35
N LEU D 82 -18.83 -9.36 -31.65
CA LEU D 82 -20.03 -8.95 -32.37
C LEU D 82 -21.07 -10.06 -32.38
N GLY D 83 -20.62 -11.31 -32.48
CA GLY D 83 -21.55 -12.41 -32.46
C GLY D 83 -22.02 -12.79 -31.08
N TYR D 84 -21.20 -12.51 -30.06
CA TYR D 84 -21.57 -12.92 -28.72
C TYR D 84 -22.68 -12.04 -28.15
N TYR D 85 -22.75 -10.79 -28.57
CA TYR D 85 -23.78 -9.88 -28.12
C TYR D 85 -24.86 -9.66 -29.18
N ASN D 86 -24.86 -10.45 -30.25
CA ASN D 86 -25.85 -10.36 -31.32
C ASN D 86 -25.94 -8.94 -31.88
N GLN D 87 -24.80 -8.26 -31.94
CA GLN D 87 -24.72 -6.95 -32.56
C GLN D 87 -24.52 -7.11 -34.06
N SER D 88 -25.28 -6.37 -34.84
CA SER D 88 -25.15 -6.45 -36.28
C SER D 88 -24.02 -5.54 -36.75
N ALA D 89 -23.61 -5.74 -38.00
CA ALA D 89 -22.67 -4.80 -38.61
C ALA D 89 -23.32 -3.43 -38.73
N GLY D 90 -22.48 -2.40 -38.78
CA GLY D 90 -22.97 -1.04 -38.86
C GLY D 90 -22.91 -0.25 -37.57
N GLY D 91 -22.36 -0.85 -36.49
CA GLY D 91 -22.01 -0.14 -35.30
C GLY D 91 -20.50 0.07 -35.21
N SER D 92 -20.09 0.70 -34.10
CA SER D 92 -18.69 0.99 -33.82
C SER D 92 -18.43 0.72 -32.36
N HIS D 93 -17.52 -0.20 -32.08
CA HIS D 93 -17.32 -0.75 -30.75
C HIS D 93 -15.87 -0.61 -30.33
N THR D 94 -15.66 -0.46 -29.03
CA THR D 94 -14.33 -0.35 -28.48
C THR D 94 -13.92 -1.61 -27.75
N LEU D 95 -12.62 -1.92 -27.81
CA LEU D 95 -12.04 -3.07 -27.11
C LEU D 95 -10.82 -2.58 -26.36
N GLN D 96 -10.83 -2.70 -25.05
CA GLN D 96 -9.84 -2.07 -24.18
C GLN D 96 -9.12 -3.11 -23.35
N GLN D 97 -7.82 -2.92 -23.20
CA GLN D 97 -6.99 -3.80 -22.38
C GLN D 97 -6.08 -2.95 -21.52
N MET D 98 -5.90 -3.36 -20.28
CA MET D 98 -4.93 -2.74 -19.38
C MET D 98 -4.12 -3.83 -18.71
N SER D 99 -2.79 -3.75 -18.84
CA SER D 99 -1.88 -4.72 -18.27
C SER D 99 -0.77 -3.98 -17.52
N GLY D 100 -0.05 -4.72 -16.69
CA GLY D 100 1.10 -4.15 -16.00
C GLY D 100 1.29 -4.78 -14.64
N CYS D 101 2.35 -4.35 -13.96
CA CYS D 101 2.73 -4.87 -12.66
C CYS D 101 2.99 -3.74 -11.67
N ASP D 102 2.99 -4.09 -10.39
CA ASP D 102 3.24 -3.15 -9.30
C ASP D 102 4.34 -3.70 -8.42
N LEU D 103 5.39 -2.89 -8.21
CA LEU D 103 6.61 -3.31 -7.52
C LEU D 103 6.80 -2.49 -6.26
N GLY D 104 6.93 -3.17 -5.12
CA GLY D 104 7.20 -2.52 -3.85
C GLY D 104 8.65 -2.09 -3.72
N SER D 105 8.99 -1.63 -2.50
CA SER D 105 10.32 -1.08 -2.26
C SER D 105 11.42 -2.13 -2.35
N ASP D 106 11.10 -3.42 -2.22
CA ASP D 106 12.09 -4.48 -2.27
C ASP D 106 12.34 -4.99 -3.68
N TRP D 107 11.79 -4.33 -4.70
CA TRP D 107 11.97 -4.69 -6.10
C TRP D 107 11.36 -6.05 -6.45
N ARG D 108 10.41 -6.53 -5.64
CA ARG D 108 9.75 -7.81 -5.88
C ARG D 108 8.25 -7.58 -6.02
N LEU D 109 7.61 -8.37 -6.89
CA LEU D 109 6.26 -8.06 -7.35
C LEU D 109 5.23 -8.22 -6.24
N LEU D 110 4.32 -7.24 -6.15
CA LEU D 110 3.24 -7.27 -5.17
C LEU D 110 1.86 -7.45 -5.80
N ARG D 111 1.67 -7.03 -7.06
CA ARG D 111 0.37 -7.14 -7.70
C ARG D 111 0.54 -7.13 -9.21
N GLY D 112 -0.11 -8.08 -9.89
CA GLY D 112 -0.19 -8.08 -11.33
C GLY D 112 -1.52 -7.51 -11.80
N TYR D 113 -1.59 -7.21 -13.10
CA TYR D 113 -2.77 -6.54 -13.63
C TYR D 113 -3.06 -7.05 -15.03
N LEU D 114 -4.29 -7.52 -15.23
CA LEU D 114 -4.78 -7.94 -16.54
C LEU D 114 -6.28 -7.72 -16.56
N GLN D 115 -6.74 -6.91 -17.50
CA GLN D 115 -8.14 -6.49 -17.51
C GLN D 115 -8.58 -6.19 -18.94
N PHE D 116 -9.81 -6.60 -19.26
CA PHE D 116 -10.41 -6.33 -20.56
C PHE D 116 -11.76 -5.66 -20.37
N ALA D 117 -12.11 -4.79 -21.31
CA ALA D 117 -13.38 -4.09 -21.28
C ALA D 117 -13.92 -3.94 -22.70
N TYR D 118 -15.16 -4.36 -22.89
CA TYR D 118 -15.87 -4.19 -24.16
C TYR D 118 -16.90 -3.08 -24.00
N GLU D 119 -16.91 -2.14 -24.96
CA GLU D 119 -17.77 -0.96 -24.88
C GLU D 119 -17.59 -0.20 -23.57
N GLY D 120 -16.34 -0.03 -23.16
CA GLY D 120 -16.04 0.67 -21.92
C GLY D 120 -16.61 0.02 -20.68
N ARG D 121 -17.01 -1.25 -20.76
CA ARG D 121 -17.57 -1.96 -19.63
C ARG D 121 -16.75 -3.22 -19.34
N ASP D 122 -16.62 -3.54 -18.06
CA ASP D 122 -15.81 -4.68 -17.63
C ASP D 122 -16.25 -5.94 -18.33
N TYR D 123 -15.32 -6.56 -19.06
CA TYR D 123 -15.59 -7.80 -19.77
C TYR D 123 -15.00 -9.01 -19.09
N ILE D 124 -13.69 -9.02 -18.82
CA ILE D 124 -13.06 -10.11 -18.08
C ILE D 124 -11.74 -9.59 -17.50
N ALA D 125 -11.34 -10.15 -16.36
CA ALA D 125 -10.22 -9.61 -15.61
C ALA D 125 -9.54 -10.73 -14.83
N LEU D 126 -8.21 -10.70 -14.84
CA LEU D 126 -7.41 -11.59 -14.00
C LEU D 126 -7.47 -11.12 -12.55
N ASN D 127 -7.53 -12.07 -11.62
CA ASN D 127 -7.66 -11.70 -10.22
C ASN D 127 -6.30 -11.59 -9.55
N GLU D 128 -6.34 -11.25 -8.26
CA GLU D 128 -5.14 -11.05 -7.46
C GLU D 128 -4.40 -12.35 -7.15
N ASP D 129 -5.01 -13.51 -7.39
CA ASP D 129 -4.33 -14.78 -7.24
C ASP D 129 -3.72 -15.30 -8.53
N LEU D 130 -4.05 -14.69 -9.68
CA LEU D 130 -3.39 -14.87 -10.97
C LEU D 130 -3.73 -16.21 -11.64
N LYS D 131 -4.67 -16.98 -11.09
CA LYS D 131 -5.16 -18.19 -11.73
C LYS D 131 -6.66 -18.16 -11.97
N THR D 132 -7.39 -17.20 -11.39
CA THR D 132 -8.84 -17.09 -11.45
C THR D 132 -9.27 -16.20 -12.62
N TRP D 133 -10.58 -16.04 -12.75
CA TRP D 133 -11.17 -15.04 -13.63
C TRP D 133 -12.49 -14.57 -13.03
N THR D 134 -13.08 -13.57 -13.67
CA THR D 134 -14.36 -13.05 -13.19
C THR D 134 -15.41 -13.01 -14.29
N ALA D 135 -15.20 -12.18 -15.31
CA ALA D 135 -16.08 -12.10 -16.47
C ALA D 135 -17.58 -11.80 -16.36
N ALA D 136 -17.92 -10.62 -15.86
CA ALA D 136 -19.25 -10.31 -15.33
C ALA D 136 -20.35 -10.73 -16.30
N ASP D 137 -20.35 -10.17 -17.51
CA ASP D 137 -21.35 -10.46 -18.53
C ASP D 137 -21.48 -11.97 -18.77
N MET D 138 -22.65 -12.40 -19.25
CA MET D 138 -22.79 -13.82 -19.59
C MET D 138 -22.14 -14.14 -20.92
N ALA D 139 -22.25 -13.21 -21.89
CA ALA D 139 -21.53 -13.35 -23.14
C ALA D 139 -20.02 -13.39 -22.94
N ALA D 140 -19.54 -12.99 -21.77
CA ALA D 140 -18.12 -13.05 -21.47
C ALA D 140 -17.68 -14.40 -20.92
N GLN D 141 -18.61 -15.24 -20.49
CA GLN D 141 -18.23 -16.48 -19.83
C GLN D 141 -17.87 -17.58 -20.80
N ILE D 142 -18.37 -17.53 -22.05
CA ILE D 142 -17.86 -18.43 -23.07
C ILE D 142 -16.37 -18.16 -23.31
N THR D 143 -15.99 -16.89 -23.36
CA THR D 143 -14.57 -16.54 -23.46
C THR D 143 -13.81 -17.01 -22.23
N ARG D 144 -14.42 -16.87 -21.04
CA ARG D 144 -13.74 -17.37 -19.83
C ARG D 144 -13.53 -18.87 -19.91
N ARG D 145 -14.60 -19.63 -20.17
CA ARG D 145 -14.46 -21.08 -20.24
C ARG D 145 -13.47 -21.48 -21.34
N LYS D 146 -13.44 -20.71 -22.43
CA LYS D 146 -12.45 -20.95 -23.48
C LYS D 146 -11.03 -20.73 -22.96
N TRP D 147 -10.84 -19.72 -22.11
CA TRP D 147 -9.50 -19.41 -21.62
C TRP D 147 -9.08 -20.31 -20.47
N GLU D 148 -10.04 -20.79 -19.67
CA GLU D 148 -9.72 -21.67 -18.56
C GLU D 148 -9.20 -23.02 -19.06
N GLN D 149 -9.93 -23.64 -20.00
CA GLN D 149 -9.53 -24.94 -20.55
C GLN D 149 -8.36 -24.86 -21.51
N SER D 150 -7.88 -23.66 -21.84
CA SER D 150 -6.74 -23.49 -22.73
C SER D 150 -5.49 -22.97 -22.02
N GLY D 151 -5.54 -22.79 -20.69
CA GLY D 151 -4.35 -22.45 -19.94
C GLY D 151 -3.70 -21.13 -20.27
N ALA D 152 -4.46 -20.18 -20.82
CA ALA D 152 -3.90 -18.87 -21.12
C ALA D 152 -3.69 -18.01 -19.87
N ALA D 153 -4.23 -18.45 -18.71
CA ALA D 153 -4.08 -17.66 -17.49
C ALA D 153 -2.68 -17.80 -16.89
N GLU D 154 -2.00 -18.92 -17.13
CA GLU D 154 -0.64 -19.06 -16.63
C GLU D 154 0.36 -18.28 -17.48
N HIS D 155 0.11 -18.18 -18.79
CA HIS D 155 1.02 -17.45 -19.67
C HIS D 155 1.14 -16.00 -19.25
N TYR D 156 0.01 -15.36 -18.92
CA TYR D 156 0.04 -14.01 -18.40
C TYR D 156 0.86 -13.94 -17.11
N LYS D 157 0.62 -14.89 -16.19
CA LYS D 157 1.32 -14.90 -14.91
C LYS D 157 2.82 -15.00 -15.11
N ALA D 158 3.27 -15.63 -16.19
CA ALA D 158 4.69 -15.68 -16.49
C ALA D 158 5.24 -14.29 -16.76
N TYR D 159 4.57 -13.53 -17.62
CA TYR D 159 5.03 -12.19 -17.95
C TYR D 159 4.97 -11.27 -16.74
N LEU D 160 3.81 -11.18 -16.11
CA LEU D 160 3.59 -10.20 -15.03
C LEU D 160 4.59 -10.38 -13.90
N GLU D 161 4.88 -11.64 -13.54
CA GLU D 161 5.84 -11.91 -12.48
C GLU D 161 7.27 -11.99 -12.98
N GLY D 162 7.48 -11.96 -14.29
CA GLY D 162 8.81 -12.10 -14.84
C GLY D 162 9.26 -10.95 -15.71
N GLU D 163 8.86 -10.99 -16.99
CA GLU D 163 9.30 -9.97 -17.94
C GLU D 163 8.88 -8.58 -17.51
N CYS D 164 7.67 -8.44 -16.97
CA CYS D 164 7.19 -7.15 -16.50
C CYS D 164 8.15 -6.53 -15.49
N VAL D 165 8.34 -7.19 -14.35
CA VAL D 165 9.08 -6.58 -13.24
C VAL D 165 10.55 -6.45 -13.60
N GLU D 166 11.10 -7.42 -14.33
CA GLU D 166 12.50 -7.34 -14.72
C GLU D 166 12.75 -6.19 -15.67
N TRP D 167 11.86 -6.02 -16.66
CA TRP D 167 12.06 -4.95 -17.62
C TRP D 167 11.66 -3.59 -17.07
N LEU D 168 10.67 -3.54 -16.16
CA LEU D 168 10.42 -2.30 -15.43
C LEU D 168 11.67 -1.83 -14.70
N HIS D 169 12.33 -2.76 -13.99
CA HIS D 169 13.54 -2.40 -13.25
C HIS D 169 14.64 -1.91 -14.17
N ARG D 170 14.76 -2.52 -15.37
CA ARG D 170 15.75 -2.05 -16.32
C ARG D 170 15.42 -0.66 -16.84
N TYR D 171 14.14 -0.33 -16.97
CA TYR D 171 13.74 1.03 -17.34
C TYR D 171 14.12 2.02 -16.24
N LEU D 172 13.94 1.62 -14.98
CA LEU D 172 14.24 2.52 -13.87
C LEU D 172 15.73 2.81 -13.75
N LYS D 173 16.58 1.81 -14.05
CA LYS D 173 18.01 2.02 -13.99
C LYS D 173 18.50 3.02 -15.04
N ASN D 174 17.85 3.04 -16.20
CA ASN D 174 18.19 3.98 -17.26
C ASN D 174 17.46 5.30 -17.05
N ARG D 181 12.19 11.30 -8.98
CA ARG D 181 11.89 12.72 -8.85
C ARG D 181 10.53 12.95 -8.19
N THR D 182 10.49 13.93 -7.28
CA THR D 182 9.28 14.26 -6.54
C THR D 182 9.20 15.78 -6.41
N ASP D 183 8.17 16.36 -7.02
CA ASP D 183 7.97 17.79 -6.95
C ASP D 183 6.94 18.11 -5.88
N SER D 184 7.29 19.04 -4.99
CA SER D 184 6.44 19.41 -3.88
C SER D 184 5.42 20.47 -4.31
N PRO D 185 4.21 20.46 -3.72
CA PRO D 185 3.15 21.38 -4.15
C PRO D 185 3.27 22.75 -3.48
N LYS D 186 3.68 23.74 -4.27
CA LYS D 186 3.59 25.13 -3.81
C LYS D 186 2.13 25.54 -3.77
N ALA D 187 1.65 25.96 -2.60
CA ALA D 187 0.23 26.16 -2.37
C ALA D 187 -0.05 27.55 -1.82
N HIS D 188 -1.32 27.94 -1.91
CA HIS D 188 -1.83 29.21 -1.41
C HIS D 188 -3.35 29.18 -1.51
N VAL D 189 -3.99 30.19 -0.92
CA VAL D 189 -5.44 30.32 -0.95
C VAL D 189 -5.81 31.62 -1.64
N THR D 190 -6.97 31.63 -2.29
CA THR D 190 -7.41 32.75 -3.11
C THR D 190 -8.63 33.40 -2.49
N HIS D 191 -8.53 34.69 -2.19
CA HIS D 191 -9.64 35.47 -1.64
C HIS D 191 -10.46 36.04 -2.79
N HIS D 192 -11.67 35.53 -2.97
CA HIS D 192 -12.58 36.02 -3.99
C HIS D 192 -13.98 36.13 -3.39
N PRO D 193 -14.53 37.35 -3.27
CA PRO D 193 -15.89 37.49 -2.75
C PRO D 193 -16.92 36.69 -3.53
N ARG D 194 -17.63 35.79 -2.85
CA ARG D 194 -18.71 35.05 -3.48
C ARG D 194 -20.04 35.77 -3.34
N SER D 195 -20.42 36.11 -2.11
CA SER D 195 -21.70 36.79 -1.87
C SER D 195 -21.53 37.79 -0.72
N LYS D 196 -22.66 38.32 -0.26
CA LYS D 196 -22.69 39.49 0.62
C LYS D 196 -21.88 39.26 1.89
N GLY D 197 -22.27 38.27 2.68
CA GLY D 197 -21.61 38.02 3.94
C GLY D 197 -20.67 36.83 3.95
N GLU D 198 -20.67 36.07 2.85
CA GLU D 198 -19.92 34.83 2.76
C GLU D 198 -19.05 34.86 1.50
N VAL D 199 -17.73 34.82 1.68
CA VAL D 199 -16.77 34.98 0.59
C VAL D 199 -15.88 33.74 0.49
N THR D 200 -15.75 33.19 -0.72
CA THR D 200 -14.99 31.95 -0.94
C THR D 200 -13.48 32.13 -0.75
N LEU D 201 -12.86 31.22 0.01
CA LEU D 201 -11.42 31.06 0.01
C LEU D 201 -11.08 29.74 -0.65
N ARG D 202 -10.38 29.79 -1.78
CA ARG D 202 -10.07 28.61 -2.57
C ARG D 202 -8.62 28.17 -2.34
N CYS D 203 -8.45 26.92 -1.92
CA CYS D 203 -7.13 26.37 -1.59
C CYS D 203 -6.53 25.71 -2.84
N TRP D 204 -5.58 26.39 -3.46
CA TRP D 204 -4.87 25.85 -4.61
C TRP D 204 -3.64 25.07 -4.16
N ALA D 205 -3.21 24.11 -5.00
CA ALA D 205 -1.98 23.38 -4.78
C ALA D 205 -1.37 23.06 -6.14
N LEU D 206 -0.17 23.61 -6.41
CA LEU D 206 0.35 23.66 -7.77
C LEU D 206 1.73 23.04 -7.86
N GLY D 207 2.05 22.52 -9.04
CA GLY D 207 3.40 22.10 -9.35
C GLY D 207 3.90 20.90 -8.59
N PHE D 208 3.05 19.91 -8.37
CA PHE D 208 3.43 18.73 -7.60
C PHE D 208 3.50 17.50 -8.48
N TYR D 209 4.24 16.50 -7.99
CA TYR D 209 4.41 15.21 -8.65
C TYR D 209 4.88 14.17 -7.63
N PRO D 210 4.28 12.96 -7.61
CA PRO D 210 3.23 12.47 -8.50
C PRO D 210 1.83 13.07 -8.23
N ALA D 211 0.83 12.58 -8.97
CA ALA D 211 -0.51 13.14 -8.89
C ALA D 211 -1.28 12.71 -7.64
N ASP D 212 -0.69 11.87 -6.79
CA ASP D 212 -1.34 11.46 -5.55
C ASP D 212 -1.27 12.61 -4.55
N ILE D 213 -2.41 13.24 -4.28
CA ILE D 213 -2.50 14.39 -3.38
C ILE D 213 -3.84 14.35 -2.67
N THR D 214 -3.91 15.04 -1.54
CA THR D 214 -5.15 15.22 -0.79
C THR D 214 -5.16 16.63 -0.20
N LEU D 215 -6.30 17.32 -0.33
CA LEU D 215 -6.50 18.65 0.24
C LEU D 215 -7.71 18.62 1.16
N THR D 216 -7.59 19.25 2.32
CA THR D 216 -8.69 19.28 3.29
C THR D 216 -8.89 20.69 3.83
N TRP D 217 -10.13 20.97 4.24
CA TRP D 217 -10.52 22.18 4.93
C TRP D 217 -10.97 21.82 6.34
N GLN D 218 -10.82 22.78 7.25
CA GLN D 218 -11.26 22.57 8.64
C GLN D 218 -11.48 23.90 9.36
N GLN D 226 -19.72 19.21 4.15
CA GLN D 226 -20.91 19.91 3.70
C GLN D 226 -20.60 20.82 2.51
N ASP D 227 -20.90 20.31 1.31
CA ASP D 227 -20.70 21.00 0.05
C ASP D 227 -19.22 21.33 -0.23
N MET D 228 -18.30 20.74 0.51
CA MET D 228 -16.87 20.87 0.20
C MET D 228 -16.84 20.21 -1.16
N GLU D 229 -16.61 20.99 -2.20
CA GLU D 229 -16.47 20.48 -3.56
C GLU D 229 -15.01 20.59 -3.99
N LEU D 230 -14.42 19.46 -4.38
CA LEU D 230 -13.09 19.41 -4.96
C LEU D 230 -13.20 19.36 -6.48
N VAL D 231 -12.05 19.23 -7.15
CA VAL D 231 -11.98 19.05 -8.60
C VAL D 231 -11.07 17.87 -8.89
N GLU D 232 -11.06 17.47 -10.17
CA GLU D 232 -10.20 16.38 -10.60
C GLU D 232 -8.73 16.82 -10.55
N THR D 233 -7.88 16.01 -9.93
CA THR D 233 -6.45 16.24 -10.02
C THR D 233 -6.04 16.28 -11.48
N ARG D 234 -5.66 17.45 -11.96
CA ARG D 234 -5.50 17.68 -13.39
C ARG D 234 -4.02 17.83 -13.76
N PRO D 235 -3.63 17.38 -14.95
CA PRO D 235 -2.27 17.64 -15.42
C PRO D 235 -2.11 19.09 -15.85
N ALA D 236 -0.97 19.67 -15.50
CA ALA D 236 -0.59 20.93 -16.12
C ALA D 236 -0.02 20.64 -17.50
N GLY D 237 0.42 21.69 -18.19
CA GLY D 237 1.09 21.48 -19.47
C GLY D 237 2.32 20.60 -19.33
N ASP D 238 3.14 20.86 -18.30
CA ASP D 238 4.37 20.12 -18.07
C ASP D 238 4.07 18.92 -17.16
N GLY D 239 5.13 18.26 -16.69
CA GLY D 239 4.99 16.98 -16.01
C GLY D 239 4.21 17.04 -14.71
N THR D 240 4.10 18.22 -14.09
CA THR D 240 3.46 18.35 -12.80
C THR D 240 1.94 18.46 -12.95
N PHE D 241 1.25 18.46 -11.80
CA PHE D 241 -0.20 18.42 -11.75
C PHE D 241 -0.74 19.56 -10.89
N GLN D 242 -2.05 19.73 -10.91
CA GLN D 242 -2.75 20.77 -10.15
C GLN D 242 -4.01 20.20 -9.53
N LYS D 243 -4.54 20.91 -8.54
CA LYS D 243 -5.83 20.61 -7.93
C LYS D 243 -6.12 21.77 -7.00
N TRP D 244 -7.41 22.08 -6.81
CA TRP D 244 -7.85 22.92 -5.71
C TRP D 244 -9.17 22.42 -5.14
N ALA D 245 -9.47 22.88 -3.92
CA ALA D 245 -10.69 22.53 -3.22
C ALA D 245 -11.07 23.72 -2.36
N SER D 246 -12.38 23.96 -2.22
CA SER D 246 -12.81 25.11 -1.42
C SER D 246 -14.27 24.98 -1.00
N VAL D 247 -14.70 26.01 -0.26
CA VAL D 247 -15.98 26.20 0.40
C VAL D 247 -16.01 27.67 0.80
N VAL D 248 -17.18 28.21 1.16
CA VAL D 248 -17.34 29.62 1.48
C VAL D 248 -17.92 29.74 2.88
N VAL D 249 -17.36 30.64 3.68
CA VAL D 249 -17.77 30.87 5.04
C VAL D 249 -18.21 32.31 5.25
N PRO D 250 -18.99 32.63 6.28
CA PRO D 250 -19.26 34.03 6.58
C PRO D 250 -17.96 34.80 6.82
N LEU D 251 -17.99 36.08 6.49
CA LEU D 251 -16.81 36.95 6.49
C LEU D 251 -15.89 36.78 7.71
N GLN D 255 -10.50 33.55 9.10
CA GLN D 255 -9.27 32.98 9.65
C GLN D 255 -9.58 31.78 10.55
N ASN D 256 -10.87 31.51 10.76
CA ASN D 256 -11.29 30.33 11.50
C ASN D 256 -11.22 29.06 10.66
N TYR D 257 -10.93 29.18 9.37
CA TYR D 257 -10.84 28.05 8.46
C TYR D 257 -9.39 27.86 8.05
N THR D 258 -8.97 26.59 7.97
CA THR D 258 -7.59 26.23 7.69
C THR D 258 -7.55 25.15 6.63
N CYS D 259 -6.65 25.30 5.67
CA CYS D 259 -6.45 24.33 4.61
C CYS D 259 -5.11 23.63 4.80
N ARG D 260 -5.13 22.31 4.69
CA ARG D 260 -3.92 21.50 4.73
C ARG D 260 -3.85 20.64 3.49
N VAL D 261 -2.63 20.43 2.99
CA VAL D 261 -2.39 19.64 1.79
C VAL D 261 -1.42 18.51 2.16
N TYR D 262 -1.68 17.33 1.61
CA TYR D 262 -0.94 16.10 1.93
C TYR D 262 -0.34 15.55 0.66
N HIS D 263 0.98 15.58 0.54
CA HIS D 263 1.64 15.01 -0.63
C HIS D 263 2.71 14.02 -0.23
N GLU D 264 3.00 13.11 -1.16
CA GLU D 264 4.02 12.08 -0.96
C GLU D 264 5.39 12.71 -0.70
N GLY D 265 5.83 13.59 -1.58
CA GLY D 265 7.11 14.24 -1.44
C GLY D 265 7.17 15.30 -0.35
N LEU D 266 6.02 15.74 0.16
CA LEU D 266 6.02 16.70 1.25
C LEU D 266 6.59 16.04 2.51
N PRO D 267 7.56 16.67 3.18
CA PRO D 267 8.05 16.12 4.45
C PRO D 267 6.92 15.96 5.46
N GLU D 268 6.29 17.08 5.83
CA GLU D 268 5.08 17.05 6.64
C GLU D 268 4.00 17.89 5.96
N PRO D 269 2.74 17.49 6.07
CA PRO D 269 1.67 18.18 5.33
C PRO D 269 1.60 19.66 5.69
N LEU D 270 1.56 20.50 4.65
CA LEU D 270 1.54 21.94 4.82
C LEU D 270 0.15 22.40 5.24
N THR D 271 0.11 23.53 5.96
CA THR D 271 -1.15 24.17 6.32
C THR D 271 -0.98 25.68 6.19
N LEU D 272 -2.07 26.36 5.83
CA LEU D 272 -2.04 27.80 5.63
C LEU D 272 -3.48 28.30 5.55
N ARG D 273 -3.63 29.63 5.60
CA ARG D 273 -4.94 30.26 5.53
C ARG D 273 -4.78 31.72 5.17
N TRP D 274 -5.83 32.28 4.57
CA TRP D 274 -6.06 33.72 4.49
C TRP D 274 -7.41 33.95 3.81
N ILE E 3 -22.52 1.84 -23.83
CA ILE E 3 -23.08 3.14 -23.46
C ILE E 3 -22.10 4.26 -23.74
N GLN E 4 -22.63 5.43 -24.06
CA GLN E 4 -21.82 6.60 -24.34
C GLN E 4 -21.83 7.54 -23.13
N LYS E 5 -20.80 8.37 -23.04
CA LYS E 5 -20.60 9.20 -21.86
C LYS E 5 -20.19 10.59 -22.30
N THR E 6 -20.83 11.60 -21.73
CA THR E 6 -20.52 12.98 -22.07
C THR E 6 -19.20 13.40 -21.42
N PRO E 7 -18.39 14.17 -22.14
CA PRO E 7 -17.07 14.54 -21.61
C PRO E 7 -17.18 15.63 -20.55
N GLN E 8 -16.14 15.73 -19.73
CA GLN E 8 -16.02 16.80 -18.74
C GLN E 8 -14.84 17.67 -19.10
N ILE E 9 -15.06 18.97 -19.17
CA ILE E 9 -14.09 19.94 -19.68
C ILE E 9 -13.58 20.79 -18.52
N GLN E 10 -12.26 20.99 -18.46
CA GLN E 10 -11.65 21.92 -17.52
C GLN E 10 -10.71 22.82 -18.29
N VAL E 11 -10.79 24.12 -18.05
CA VAL E 11 -9.94 25.09 -18.74
C VAL E 11 -9.15 25.83 -17.69
N TYR E 12 -7.82 25.79 -17.79
CA TYR E 12 -6.97 26.39 -16.78
C TYR E 12 -5.58 26.62 -17.34
N SER E 13 -4.82 27.48 -16.68
CA SER E 13 -3.48 27.85 -17.09
C SER E 13 -2.44 27.07 -16.29
N ARG E 14 -1.25 26.96 -16.88
CA ARG E 14 -0.17 26.17 -16.28
C ARG E 14 0.34 26.82 -14.99
N HIS E 15 0.55 28.14 -15.00
CA HIS E 15 0.89 28.93 -13.83
C HIS E 15 -0.24 29.91 -13.54
N PRO E 16 -0.32 30.43 -12.32
CA PRO E 16 -1.31 31.49 -12.06
C PRO E 16 -1.10 32.66 -12.96
N PRO E 17 -2.17 33.36 -13.36
CA PRO E 17 -2.06 34.34 -14.43
C PRO E 17 -1.62 35.71 -13.99
N GLU E 18 -0.62 36.27 -14.66
CA GLU E 18 -0.22 37.66 -14.53
C GLU E 18 -0.25 38.29 -15.91
N ASN E 19 -1.01 39.36 -16.07
CA ASN E 19 -1.20 39.98 -17.37
C ASN E 19 0.14 40.36 -17.99
N GLY E 20 0.36 39.94 -19.23
CA GLY E 20 1.57 40.22 -19.96
C GLY E 20 2.59 39.09 -19.95
N LYS E 21 2.51 38.18 -18.98
CA LYS E 21 3.51 37.11 -18.89
C LYS E 21 3.10 35.93 -19.77
N PRO E 22 4.06 35.30 -20.45
CA PRO E 22 3.74 34.09 -21.22
C PRO E 22 3.30 32.96 -20.31
N ASN E 23 2.61 31.99 -20.90
CA ASN E 23 1.98 30.94 -20.12
C ASN E 23 1.52 29.84 -21.06
N ILE E 24 0.99 28.76 -20.48
CA ILE E 24 0.33 27.69 -21.21
C ILE E 24 -1.08 27.55 -20.67
N LEU E 25 -2.07 27.46 -21.55
CA LEU E 25 -3.45 27.26 -21.19
C LEU E 25 -3.84 25.82 -21.50
N ASN E 26 -4.41 25.13 -20.52
CA ASN E 26 -4.85 23.75 -20.66
C ASN E 26 -6.37 23.66 -20.77
N CYS E 27 -6.80 22.68 -21.57
CA CYS E 27 -8.20 22.29 -21.66
C CYS E 27 -8.25 20.78 -21.53
N TYR E 28 -8.77 20.29 -20.39
CA TYR E 28 -8.64 18.89 -19.98
C TYR E 28 -9.98 18.17 -20.11
N VAL E 29 -10.11 17.33 -21.13
CA VAL E 29 -11.36 16.64 -21.43
C VAL E 29 -11.29 15.22 -20.90
N THR E 30 -12.35 14.78 -20.23
CA THR E 30 -12.26 13.68 -19.28
C THR E 30 -13.57 12.89 -19.25
N GLN E 31 -13.46 11.59 -19.02
CA GLN E 31 -14.60 10.74 -18.67
C GLN E 31 -15.63 10.68 -19.81
N PHE E 32 -15.16 10.50 -21.03
CA PHE E 32 -16.05 10.36 -22.17
C PHE E 32 -15.84 9.04 -22.87
N HIS E 33 -16.75 8.78 -23.80
CA HIS E 33 -16.84 7.53 -24.55
C HIS E 33 -17.87 7.91 -25.60
N PRO E 34 -17.81 7.34 -26.83
CA PRO E 34 -16.67 6.73 -27.51
C PRO E 34 -15.48 7.69 -27.63
N PRO E 35 -14.29 7.20 -28.00
CA PRO E 35 -13.11 8.08 -28.02
C PRO E 35 -13.15 9.15 -29.08
N HIS E 36 -13.96 9.01 -30.12
CA HIS E 36 -13.96 9.98 -31.21
C HIS E 36 -14.35 11.35 -30.69
N ILE E 37 -13.43 12.29 -30.76
CA ILE E 37 -13.59 13.61 -30.15
C ILE E 37 -12.94 14.65 -31.03
N GLU E 38 -13.49 15.86 -31.02
CA GLU E 38 -12.92 17.00 -31.73
C GLU E 38 -12.87 18.17 -30.74
N ILE E 39 -11.67 18.72 -30.55
CA ILE E 39 -11.44 19.77 -29.55
C ILE E 39 -10.83 20.98 -30.24
N GLN E 40 -11.53 22.11 -30.17
CA GLN E 40 -11.03 23.41 -30.58
C GLN E 40 -10.65 24.22 -29.35
N MET E 41 -9.57 24.98 -29.46
CA MET E 41 -9.24 25.99 -28.46
C MET E 41 -9.36 27.37 -29.10
N LEU E 42 -10.02 28.28 -28.39
CA LEU E 42 -10.45 29.56 -28.97
C LEU E 42 -9.86 30.72 -28.18
N LYS E 43 -9.30 31.70 -28.90
CA LYS E 43 -8.94 32.99 -28.33
C LYS E 43 -9.83 34.04 -28.98
N ASN E 44 -10.57 34.78 -28.15
CA ASN E 44 -11.49 35.80 -28.63
C ASN E 44 -12.41 35.26 -29.72
N GLY E 45 -12.87 34.02 -29.55
CA GLY E 45 -13.82 33.43 -30.44
C GLY E 45 -13.25 32.63 -31.60
N LYS E 46 -12.09 33.01 -32.12
CA LYS E 46 -11.54 32.31 -33.27
C LYS E 46 -10.47 31.30 -32.84
N LYS E 47 -10.25 30.32 -33.70
CA LYS E 47 -9.47 29.14 -33.33
C LYS E 47 -8.00 29.47 -33.18
N ILE E 48 -7.41 29.06 -32.07
CA ILE E 48 -5.96 29.17 -31.89
C ILE E 48 -5.26 28.15 -32.78
N PRO E 49 -4.28 28.54 -33.57
CA PRO E 49 -3.56 27.57 -34.41
C PRO E 49 -2.44 26.89 -33.63
N LYS E 50 -2.08 25.70 -34.12
CA LYS E 50 -0.99 24.90 -33.55
C LYS E 50 -1.25 24.63 -32.06
N VAL E 51 -2.34 23.91 -31.79
CA VAL E 51 -2.69 23.52 -30.43
C VAL E 51 -2.20 22.09 -30.24
N GLU E 52 -1.02 21.96 -29.62
CA GLU E 52 -0.45 20.64 -29.34
C GLU E 52 -1.36 19.83 -28.42
N MET E 53 -1.69 18.61 -28.83
CA MET E 53 -2.65 17.77 -28.10
C MET E 53 -1.99 16.51 -27.59
N SER E 54 -2.33 16.14 -26.36
CA SER E 54 -1.74 14.98 -25.72
C SER E 54 -2.25 13.70 -26.37
N ASP E 55 -1.58 12.59 -26.07
CA ASP E 55 -2.07 11.29 -26.49
C ASP E 55 -3.24 10.87 -25.62
N MET E 56 -4.12 10.03 -26.17
CA MET E 56 -5.36 9.67 -25.50
C MET E 56 -5.21 8.28 -24.89
N SER E 57 -5.02 8.24 -23.59
CA SER E 57 -5.22 7.01 -22.83
C SER E 57 -6.61 7.07 -22.21
N PHE E 58 -6.93 6.08 -21.39
CA PHE E 58 -8.23 6.07 -20.72
C PHE E 58 -8.04 5.93 -19.22
N SER E 59 -8.97 6.50 -18.47
CA SER E 59 -9.03 6.30 -17.03
C SER E 59 -9.40 4.86 -16.72
N LYS E 60 -9.37 4.50 -15.44
CA LYS E 60 -9.42 3.10 -15.05
C LYS E 60 -10.84 2.57 -14.96
N ASP E 61 -11.84 3.46 -14.93
CA ASP E 61 -13.22 3.10 -15.22
C ASP E 61 -13.49 3.04 -16.74
N TRP E 62 -12.43 3.00 -17.55
CA TRP E 62 -12.42 2.69 -18.99
C TRP E 62 -12.86 3.86 -19.88
N SER E 63 -13.20 5.02 -19.33
CA SER E 63 -13.51 6.16 -20.16
C SER E 63 -12.24 6.95 -20.47
N PHE E 64 -12.22 7.58 -21.64
CA PHE E 64 -11.02 8.20 -22.16
C PHE E 64 -10.88 9.64 -21.70
N TYR E 65 -9.63 10.10 -21.62
CA TYR E 65 -9.28 11.50 -21.41
C TYR E 65 -8.23 11.92 -22.42
N ILE E 66 -8.17 13.21 -22.67
CA ILE E 66 -7.15 13.78 -23.54
C ILE E 66 -6.94 15.23 -23.10
N LEU E 67 -5.69 15.68 -23.15
CA LEU E 67 -5.33 17.02 -22.71
C LEU E 67 -4.91 17.86 -23.91
N ALA E 68 -5.55 19.00 -24.09
CA ALA E 68 -5.17 19.97 -25.10
C ALA E 68 -4.54 21.17 -24.42
N HIS E 69 -3.35 21.58 -24.86
CA HIS E 69 -2.69 22.76 -24.32
C HIS E 69 -2.14 23.61 -25.46
N THR E 70 -1.88 24.88 -25.15
CA THR E 70 -1.25 25.81 -26.08
C THR E 70 -0.58 26.93 -25.29
N GLU E 71 0.41 27.56 -25.93
CA GLU E 71 1.02 28.76 -25.38
C GLU E 71 0.09 29.95 -25.63
N PHE E 72 0.06 30.88 -24.67
CA PHE E 72 -0.83 32.02 -24.75
C PHE E 72 -0.34 33.07 -23.76
N THR E 73 -0.69 34.32 -24.02
CA THR E 73 -0.31 35.42 -23.14
C THR E 73 -1.57 36.15 -22.63
N PRO E 74 -1.90 36.02 -21.35
CA PRO E 74 -3.19 36.54 -20.86
C PRO E 74 -3.21 38.05 -20.81
N THR E 75 -4.27 38.64 -21.35
CA THR E 75 -4.52 40.07 -21.32
C THR E 75 -5.76 40.33 -20.48
N GLU E 76 -5.87 41.57 -19.98
CA GLU E 76 -7.10 41.97 -19.32
C GLU E 76 -8.30 41.84 -20.26
N THR E 77 -8.09 42.01 -21.56
CA THR E 77 -9.17 42.07 -22.55
C THR E 77 -9.57 40.70 -23.10
N ASP E 78 -8.59 39.85 -23.42
CA ASP E 78 -8.86 38.66 -24.22
C ASP E 78 -9.67 37.62 -23.44
N THR E 79 -10.33 36.75 -24.19
CA THR E 79 -11.22 35.73 -23.63
C THR E 79 -10.89 34.39 -24.27
N TYR E 80 -10.36 33.46 -23.48
CA TYR E 80 -9.95 32.16 -23.96
C TYR E 80 -10.99 31.12 -23.58
N ALA E 81 -11.08 30.06 -24.38
CA ALA E 81 -12.17 29.12 -24.22
C ALA E 81 -11.82 27.81 -24.92
N CYS E 82 -12.52 26.76 -24.52
CA CYS E 82 -12.41 25.43 -25.11
C CYS E 82 -13.77 25.01 -25.64
N ARG E 83 -13.80 24.52 -26.87
CA ARG E 83 -15.04 24.06 -27.49
C ARG E 83 -14.87 22.60 -27.91
N VAL E 84 -15.84 21.77 -27.53
CA VAL E 84 -15.73 20.32 -27.66
C VAL E 84 -16.94 19.80 -28.45
N LYS E 85 -16.67 18.92 -29.40
CA LYS E 85 -17.72 18.23 -30.14
C LYS E 85 -17.64 16.75 -29.81
N HIS E 86 -18.80 16.13 -29.57
CA HIS E 86 -18.82 14.72 -29.23
C HIS E 86 -20.18 14.14 -29.57
N ASP E 87 -20.21 12.83 -29.84
CA ASP E 87 -21.44 12.18 -30.27
C ASP E 87 -22.49 12.17 -29.16
N SER E 88 -22.06 12.23 -27.90
CA SER E 88 -22.98 12.24 -26.77
C SER E 88 -23.65 13.60 -26.56
N MET E 89 -23.32 14.59 -27.38
CA MET E 89 -23.87 15.94 -27.21
C MET E 89 -24.49 16.39 -28.52
N ALA E 90 -25.71 16.95 -28.43
CA ALA E 90 -26.42 17.38 -29.63
C ALA E 90 -25.67 18.48 -30.36
N GLU E 91 -25.13 19.45 -29.62
CA GLU E 91 -24.33 20.54 -30.17
C GLU E 91 -23.09 20.70 -29.32
N PRO E 92 -22.07 21.40 -29.83
CA PRO E 92 -20.83 21.56 -29.05
C PRO E 92 -21.05 22.37 -27.78
N LYS E 93 -20.24 22.05 -26.75
CA LYS E 93 -20.26 22.81 -25.50
C LYS E 93 -18.97 23.60 -25.36
N THR E 94 -19.11 24.91 -25.13
CA THR E 94 -17.99 25.79 -24.88
C THR E 94 -17.80 25.97 -23.38
N VAL E 95 -16.54 25.92 -22.94
CA VAL E 95 -16.18 26.21 -21.57
C VAL E 95 -15.17 27.35 -21.60
N TYR E 96 -15.48 28.42 -20.86
CA TYR E 96 -14.60 29.58 -20.82
C TYR E 96 -13.58 29.43 -19.69
N TRP E 97 -12.54 30.28 -19.73
CA TRP E 97 -11.37 30.04 -18.90
C TRP E 97 -11.63 30.39 -17.44
N ASP E 98 -12.05 31.63 -17.17
CA ASP E 98 -12.28 32.11 -15.81
C ASP E 98 -11.08 32.21 -14.88
N ARG E 99 -10.25 33.24 -15.10
CA ARG E 99 -8.97 33.49 -14.46
C ARG E 99 -8.89 33.06 -13.00
N ASP E 100 -10.00 33.17 -12.27
CA ASP E 100 -10.00 32.83 -10.84
C ASP E 100 -9.80 31.35 -10.56
N MET E 101 -9.75 30.51 -11.60
CA MET E 101 -9.54 29.07 -11.41
C MET E 101 -8.84 28.41 -12.61
N LYS F 1 9.25 -3.97 -21.42
CA LYS F 1 8.66 -4.38 -22.69
C LYS F 1 7.18 -4.74 -22.52
N ALA F 2 6.46 -4.80 -23.64
CA ALA F 2 5.03 -5.02 -23.62
C ALA F 2 4.71 -6.51 -23.75
N VAL F 3 3.43 -6.83 -23.61
CA VAL F 3 2.96 -8.20 -23.48
C VAL F 3 2.18 -8.62 -24.73
N TYR F 4 2.22 -9.90 -25.04
CA TYR F 4 1.44 -10.50 -26.12
C TYR F 4 0.39 -11.42 -25.53
N ASN F 5 -0.87 -11.25 -25.94
CA ASN F 5 -1.96 -12.16 -25.56
C ASN F 5 -1.98 -13.40 -26.43
N DPN F 6 -1.93 -14.57 -25.81
CA DPN F 6 -2.15 -15.86 -26.49
C DPN F 6 -3.58 -16.00 -27.02
O DPN F 6 -3.89 -15.56 -28.13
CB DPN F 6 -1.15 -16.11 -27.62
CG DPN F 6 0.26 -16.30 -27.15
CD1 DPN F 6 1.30 -15.58 -27.71
CD2 DPN F 6 0.56 -17.21 -26.15
CE1 DPN F 6 2.60 -15.74 -27.29
CE2 DPN F 6 1.85 -17.38 -25.71
CZ DPN F 6 2.88 -16.64 -26.28
N ALA F 7 -4.43 -16.63 -26.23
CA ALA F 7 -5.77 -16.98 -26.67
C ALA F 7 -6.60 -15.76 -27.02
N THR F 8 -7.44 -15.90 -28.05
CA THR F 8 -8.39 -14.87 -28.45
C THR F 8 -9.61 -14.92 -27.53
N MET F 9 -10.56 -14.02 -27.77
CA MET F 9 -11.83 -14.05 -27.06
C MET F 9 -12.85 -14.87 -27.85
S SO4 G . -10.33 -19.42 39.84
O1 SO4 G . -10.50 -18.85 38.50
O2 SO4 G . -11.64 -19.72 40.43
O3 SO4 G . -9.62 -18.47 40.69
O4 SO4 G . -9.54 -20.65 39.73
S SO4 H . 2.89 -14.85 34.83
O1 SO4 H . 2.40 -15.93 35.69
O2 SO4 H . 2.40 -13.57 35.34
O3 SO4 H . 4.35 -14.87 34.83
O4 SO4 H . 2.41 -15.06 33.47
S SO4 I . 5.11 -6.02 15.36
O1 SO4 I . 4.55 -6.75 16.49
O2 SO4 I . 4.50 -4.70 15.27
O3 SO4 I . 4.85 -6.76 14.13
O4 SO4 I . 6.55 -5.88 15.55
CL CL J . -7.17 -23.47 16.69
S SO4 K . 1.02 -27.35 18.09
O1 SO4 K . 0.11 -27.88 19.10
O2 SO4 K . 0.44 -27.51 16.77
O3 SO4 K . 2.30 -28.08 18.16
O4 SO4 K . 1.28 -25.93 18.34
S SO4 L . 16.23 -31.46 31.96
O1 SO4 L . 16.21 -30.88 30.63
O2 SO4 L . 15.01 -31.10 32.68
O3 SO4 L . 17.39 -30.96 32.69
O4 SO4 L . 16.33 -32.91 31.87
S SO4 M . -19.29 -2.94 -41.30
O1 SO4 M . -19.99 -3.96 -42.06
O2 SO4 M . -20.23 -1.89 -40.91
O3 SO4 M . -18.69 -3.53 -40.11
O4 SO4 M . -18.23 -2.35 -42.12
S SO4 N . -23.24 2.53 -17.44
O1 SO4 N . -23.69 1.80 -18.63
O2 SO4 N . -24.13 2.25 -16.32
O3 SO4 N . -23.26 3.97 -17.72
O4 SO4 N . -21.87 2.13 -17.10
S SO4 O . -22.75 10.70 -18.53
O1 SO4 O . -23.48 10.24 -17.36
O2 SO4 O . -23.10 12.09 -18.82
O3 SO4 O . -21.31 10.59 -18.27
O4 SO4 O . -23.10 9.87 -19.68
#